data_4FCX
#
_entry.id   4FCX
#
_cell.length_a   76.408
_cell.length_b   82.262
_cell.length_c   164.296
_cell.angle_alpha   90.00
_cell.angle_beta   90.00
_cell.angle_gamma   90.00
#
_symmetry.space_group_name_H-M   'P 21 21 21'
#
loop_
_entity.id
_entity.type
_entity.pdbx_description
1 polymer 'DNA repair protein rad32'
2 non-polymer 'MANGANESE (II) ION'
#
_entity_poly.entity_id   1
_entity_poly.type   'polypeptide(L)'
_entity_poly.pdbx_seq_one_letter_code
;GPLGSENTIRILISSDPHVGYGEKDPVRGNDSFVSFNEILEIARERDVDMILLGGDIFHDNKPSRKALYQALRSLRLNCL
GDKPCELELLSDTSLTTGDTAVCNINYLDPNINVAIPVFSIHGNHDDPSGDGRYSALDILQVTGLVNYFGRVPENDNIVV
SPILLQKGFTKLALYGISNVRDERLYHSFRENKVKFLRPDLYRDEWFNLLTVHQNHSAHTPTSYLPESFIQDFYDFVLWG
HEHECLIDGSYNPTQKFTVVQPGSTIATSLSPGETAPKHCGILNITGKDFHLEKIRLRTVRPFIMKDIILSEVSSIPPMV
ENKKEVLTYLISKVEEAITEANAQWYEAQGTVPVVENEKPPLPLIRLRVDYTGGYQTENPQRFSNRFVGRVANATDVVQF
YLKK
;
_entity_poly.pdbx_strand_id   B,A
#
# COMPACT_ATOMS: atom_id res chain seq x y z
N SER A 5 -4.22 0.47 34.69
CA SER A 5 -3.42 0.29 33.48
C SER A 5 -3.77 -0.98 32.68
N GLU A 6 -4.39 -1.95 33.34
CA GLU A 6 -4.75 -3.23 32.73
C GLU A 6 -6.22 -3.29 32.28
N ASN A 7 -6.96 -2.26 32.67
CA ASN A 7 -8.36 -2.15 32.30
C ASN A 7 -8.68 -0.74 31.81
N THR A 8 -7.63 -0.01 31.46
CA THR A 8 -7.77 1.32 30.93
C THR A 8 -7.42 1.30 29.45
N ILE A 9 -8.39 1.69 28.62
CA ILE A 9 -8.17 1.82 27.19
C ILE A 9 -7.59 3.19 26.90
N ARG A 10 -6.39 3.24 26.33
CA ARG A 10 -5.80 4.52 25.94
C ARG A 10 -6.00 4.80 24.47
N ILE A 11 -6.76 5.86 24.17
CA ILE A 11 -6.97 6.24 22.79
C ILE A 11 -6.35 7.59 22.54
N LEU A 12 -5.38 7.63 21.63
CA LEU A 12 -4.90 8.89 21.13
C LEU A 12 -5.93 9.43 20.13
N ILE A 13 -6.43 10.62 20.36
CA ILE A 13 -7.41 11.22 19.48
C ILE A 13 -6.96 12.48 18.74
N SER A 14 -7.08 12.45 17.42
CA SER A 14 -6.82 13.60 16.59
C SER A 14 -7.76 13.54 15.41
N SER A 15 -7.64 14.50 14.52
CA SER A 15 -8.54 14.66 13.38
C SER A 15 -7.85 15.40 12.25
N ASP A 16 -8.44 15.30 11.07
CA ASP A 16 -8.10 16.15 9.94
C ASP A 16 -6.61 16.32 9.62
N PRO A 17 -5.86 15.21 9.45
CA PRO A 17 -4.46 15.40 9.09
C PRO A 17 -4.23 15.99 7.69
N HIS A 18 -5.18 15.76 6.78
CA HIS A 18 -5.15 16.33 5.42
C HIS A 18 -3.91 15.94 4.60
N VAL A 19 -3.49 14.67 4.68
CA VAL A 19 -2.22 14.21 4.12
C VAL A 19 -2.05 14.56 2.64
N GLY A 20 -1.05 15.42 2.37
CA GLY A 20 -0.72 15.84 1.01
C GLY A 20 -1.09 17.29 0.70
N TYR A 21 -1.38 18.07 1.74
CA TYR A 21 -1.74 19.48 1.58
C TYR A 21 -0.49 20.30 1.34
N GLY A 22 -0.42 20.91 0.15
CA GLY A 22 0.69 21.75 -0.23
C GLY A 22 1.93 20.98 -0.61
N GLU A 23 1.76 19.73 -1.03
CA GLU A 23 2.85 18.87 -1.47
C GLU A 23 3.90 19.57 -2.30
N LYS A 24 3.43 20.28 -3.33
CA LYS A 24 4.29 20.94 -4.30
C LYS A 24 5.07 22.16 -3.74
N ASP A 25 4.49 22.88 -2.78
CA ASP A 25 5.09 24.05 -2.09
C ASP A 25 6.56 23.86 -1.63
N PRO A 26 7.44 24.85 -1.91
CA PRO A 26 8.86 24.67 -1.64
C PRO A 26 9.27 24.94 -0.19
N VAL A 27 8.31 25.29 0.66
CA VAL A 27 8.60 25.52 2.08
C VAL A 27 7.73 24.59 2.88
N ARG A 28 6.42 24.74 2.70
CA ARG A 28 5.42 23.98 3.45
C ARG A 28 5.19 22.56 2.91
N GLY A 29 5.84 22.26 1.79
CA GLY A 29 5.58 21.04 1.05
C GLY A 29 5.77 19.74 1.79
N ASN A 30 6.23 19.81 3.03
CA ASN A 30 6.39 18.61 3.84
C ASN A 30 5.56 18.58 5.11
N ASP A 31 5.08 19.74 5.58
CA ASP A 31 4.34 19.89 6.84
C ASP A 31 3.34 18.79 7.14
N SER A 32 2.56 18.47 6.12
CA SER A 32 1.49 17.49 6.17
C SER A 32 2.01 16.21 6.75
N PHE A 33 2.97 15.63 6.02
CA PHE A 33 3.63 14.37 6.30
C PHE A 33 4.28 14.30 7.67
N VAL A 34 5.11 15.30 7.97
CA VAL A 34 5.72 15.48 9.27
C VAL A 34 4.73 15.44 10.46
N SER A 35 3.64 16.20 10.40
CA SER A 35 2.70 16.29 11.51
C SER A 35 1.78 15.08 11.66
N PHE A 36 1.34 14.51 10.55
CA PHE A 36 0.60 13.25 10.59
C PHE A 36 1.50 12.19 11.19
N ASN A 37 2.79 12.30 10.90
CA ASN A 37 3.77 11.44 11.51
C ASN A 37 3.94 11.72 12.99
N GLU A 38 4.00 12.99 13.39
CA GLU A 38 4.12 13.32 14.81
C GLU A 38 2.95 12.75 15.59
N ILE A 39 1.76 12.86 15.02
CA ILE A 39 0.54 12.27 15.59
C ILE A 39 0.72 10.80 16.00
N LEU A 40 1.14 9.96 15.06
CA LEU A 40 1.26 8.52 15.29
C LEU A 40 2.51 8.24 16.11
N GLU A 41 3.49 9.11 16.00
CA GLU A 41 4.73 8.98 16.74
C GLU A 41 4.50 9.15 18.23
N ILE A 42 3.67 10.11 18.59
CA ILE A 42 3.29 10.35 19.98
C ILE A 42 2.57 9.13 20.54
N ALA A 43 1.68 8.57 19.74
CA ALA A 43 0.89 7.43 20.17
C ALA A 43 1.76 6.27 20.63
N ARG A 44 2.82 5.96 19.89
CA ARG A 44 3.76 4.88 20.27
C ARG A 44 4.63 5.25 21.46
N GLU A 45 5.15 6.48 21.47
CA GLU A 45 5.96 7.00 22.57
C GLU A 45 5.19 7.01 23.88
N ARG A 46 3.87 7.25 23.80
CA ARG A 46 3.02 7.29 24.98
C ARG A 46 2.30 5.97 25.22
N ASP A 47 2.58 5.01 24.35
CA ASP A 47 2.07 3.65 24.50
C ASP A 47 0.54 3.59 24.69
N VAL A 48 -0.20 3.87 23.63
CA VAL A 48 -1.65 3.85 23.70
C VAL A 48 -2.09 2.53 23.11
N ASP A 49 -3.35 2.19 23.31
CA ASP A 49 -3.87 0.93 22.83
C ASP A 49 -4.38 1.04 21.39
N MET A 50 -4.88 2.22 21.04
CA MET A 50 -5.40 2.48 19.70
C MET A 50 -5.34 3.97 19.35
N ILE A 51 -5.60 4.27 18.08
CA ILE A 51 -5.71 5.65 17.61
C ILE A 51 -7.11 5.89 17.01
N LEU A 52 -7.76 6.97 17.39
CA LEU A 52 -9.02 7.35 16.77
C LEU A 52 -8.83 8.64 15.98
N LEU A 53 -9.34 8.68 14.75
CA LEU A 53 -9.21 9.87 13.90
C LEU A 53 -10.56 10.36 13.38
N GLY A 54 -10.68 11.67 13.22
CA GLY A 54 -11.95 12.31 12.88
C GLY A 54 -12.24 12.42 11.40
N GLY A 55 -11.35 11.90 10.57
CA GLY A 55 -11.59 11.90 9.14
C GLY A 55 -10.78 12.96 8.43
N ASP A 56 -10.99 13.06 7.11
CA ASP A 56 -10.24 13.98 6.26
C ASP A 56 -8.73 13.67 6.25
N ILE A 57 -8.44 12.40 6.03
CA ILE A 57 -7.09 11.88 6.15
C ILE A 57 -6.19 12.27 4.97
N PHE A 58 -6.63 12.01 3.76
CA PHE A 58 -5.93 12.57 2.60
C PHE A 58 -6.61 13.87 2.19
N HIS A 59 -5.84 14.78 1.57
CA HIS A 59 -6.39 16.04 1.11
C HIS A 59 -6.96 15.84 -0.28
N ASP A 60 -6.11 15.41 -1.21
CA ASP A 60 -6.53 15.21 -2.60
C ASP A 60 -7.46 14.01 -2.66
N ASN A 61 -8.38 14.00 -3.62
CA ASN A 61 -9.33 12.90 -3.76
C ASN A 61 -8.67 11.67 -4.35
N LYS A 62 -7.70 11.91 -5.22
CA LYS A 62 -6.81 10.86 -5.70
C LYS A 62 -5.41 11.29 -5.30
N PRO A 63 -4.89 10.75 -4.18
CA PRO A 63 -3.61 11.19 -3.61
C PRO A 63 -2.43 10.75 -4.45
N SER A 64 -1.38 11.57 -4.43
CA SER A 64 -0.13 11.29 -5.15
C SER A 64 0.49 9.99 -4.69
N ARG A 65 1.47 9.46 -5.41
CA ARG A 65 2.13 8.26 -4.91
C ARG A 65 3.02 8.63 -3.74
N LYS A 66 3.44 9.89 -3.70
CA LYS A 66 4.27 10.40 -2.60
C LYS A 66 3.45 10.45 -1.31
N ALA A 67 2.32 11.12 -1.36
CA ALA A 67 1.39 11.14 -0.23
C ALA A 67 1.05 9.73 0.32
N LEU A 68 0.68 8.82 -0.57
CA LEU A 68 0.30 7.48 -0.16
C LEU A 68 1.46 6.81 0.54
N TYR A 69 2.64 6.93 -0.03
CA TYR A 69 3.84 6.36 0.55
C TYR A 69 4.11 6.93 1.93
N GLN A 70 3.96 8.24 2.09
CA GLN A 70 4.33 8.87 3.34
C GLN A 70 3.42 8.49 4.52
N ALA A 71 2.13 8.38 4.25
CA ALA A 71 1.18 7.96 5.27
C ALA A 71 1.49 6.51 5.65
N LEU A 72 1.67 5.66 4.65
CA LEU A 72 2.03 4.27 4.85
C LEU A 72 3.30 4.11 5.65
N ARG A 73 4.32 4.86 5.28
CA ARG A 73 5.59 4.85 5.98
C ARG A 73 5.43 5.16 7.45
N SER A 74 4.73 6.24 7.75
CA SER A 74 4.56 6.67 9.12
C SER A 74 3.65 5.72 9.88
N LEU A 75 2.71 5.11 9.16
CA LEU A 75 1.81 4.15 9.78
C LEU A 75 2.55 2.89 10.20
N ARG A 76 3.47 2.42 9.36
CA ARG A 76 4.27 1.25 9.70
C ARG A 76 5.26 1.55 10.82
N LEU A 77 6.10 2.56 10.61
CA LEU A 77 7.16 2.94 11.54
C LEU A 77 6.73 3.08 12.99
N ASN A 78 5.44 3.28 13.20
CA ASN A 78 4.92 3.63 14.50
C ASN A 78 3.80 2.70 14.97
N CYS A 79 2.97 2.24 14.05
CA CYS A 79 1.78 1.51 14.48
C CYS A 79 1.80 0.00 14.20
N LEU A 80 2.77 -0.46 13.42
CA LEU A 80 2.81 -1.88 13.06
C LEU A 80 3.48 -2.72 14.15
N GLY A 81 4.49 -2.14 14.78
CA GLY A 81 5.24 -2.85 15.81
C GLY A 81 6.13 -3.95 15.28
N ASP A 82 6.11 -5.10 15.96
CA ASP A 82 6.99 -6.23 15.65
C ASP A 82 6.27 -7.32 14.87
N LYS A 83 6.94 -7.88 13.87
CA LYS A 83 6.36 -8.96 13.09
C LYS A 83 7.01 -10.31 13.39
N PRO A 84 6.16 -11.32 13.76
CA PRO A 84 6.53 -12.67 14.21
C PRO A 84 6.98 -13.67 13.14
N CYS A 85 8.22 -14.12 13.20
CA CYS A 85 8.71 -15.22 12.34
C CYS A 85 9.91 -15.94 12.96
N GLU A 86 9.99 -17.25 12.72
CA GLU A 86 11.09 -18.07 13.24
C GLU A 86 12.30 -18.00 12.31
N LEU A 87 12.69 -16.77 12.00
CA LEU A 87 13.72 -16.52 11.00
C LEU A 87 14.51 -15.28 11.38
N GLU A 88 15.73 -15.47 11.84
CA GLU A 88 16.57 -14.39 12.35
C GLU A 88 17.45 -13.75 11.27
N LEU A 89 17.51 -12.42 11.26
CA LEU A 89 18.34 -11.69 10.30
C LEU A 89 19.69 -11.30 10.88
N LEU A 90 20.74 -11.89 10.34
CA LEU A 90 22.08 -11.69 10.88
C LEU A 90 22.75 -10.44 10.33
N SER A 91 22.34 -10.06 9.12
CA SER A 91 22.81 -8.85 8.45
C SER A 91 21.91 -8.48 7.27
N VAL A 102 13.68 -6.46 8.65
CA VAL A 102 13.11 -7.05 9.86
C VAL A 102 11.59 -7.10 9.78
N CYS A 103 11.04 -8.29 9.66
CA CYS A 103 11.86 -9.51 9.60
C CYS A 103 12.74 -9.64 10.84
N ASN A 104 12.19 -9.26 11.99
CA ASN A 104 12.92 -9.34 13.25
C ASN A 104 12.26 -10.31 14.23
N ILE A 105 13.07 -11.21 14.80
CA ILE A 105 12.57 -12.19 15.75
C ILE A 105 11.99 -11.50 17.00
N ASN A 106 10.73 -11.81 17.29
CA ASN A 106 10.06 -11.23 18.46
C ASN A 106 10.35 -11.85 19.83
N TYR A 107 10.44 -13.17 19.89
CA TYR A 107 10.49 -13.90 21.16
C TYR A 107 9.22 -13.63 21.98
N LEU A 108 9.37 -13.32 23.26
CA LEU A 108 8.23 -12.95 24.08
C LEU A 108 8.70 -12.00 25.18
N ASP A 109 9.62 -11.12 24.79
CA ASP A 109 10.32 -10.21 25.72
C ASP A 109 9.37 -9.29 26.50
N PRO A 110 9.86 -8.75 27.64
CA PRO A 110 9.10 -7.71 28.34
C PRO A 110 8.85 -6.48 27.46
N ASN A 111 9.89 -5.97 26.81
CA ASN A 111 9.70 -4.96 25.77
C ASN A 111 9.41 -5.62 24.43
N ILE A 112 8.14 -5.86 24.17
CA ILE A 112 7.67 -6.38 22.88
C ILE A 112 6.85 -5.30 22.19
N ASN A 113 7.15 -5.00 20.94
CA ASN A 113 6.41 -3.95 20.23
C ASN A 113 5.07 -4.44 19.69
N VAL A 114 4.01 -4.04 20.38
CA VAL A 114 2.63 -4.37 20.01
C VAL A 114 2.11 -3.54 18.82
N ALA A 115 1.08 -4.05 18.15
CA ALA A 115 0.42 -3.27 17.10
C ALA A 115 -0.56 -2.27 17.71
N ILE A 116 -0.48 -1.02 17.25
CA ILE A 116 -1.43 0.01 17.64
C ILE A 116 -2.35 0.24 16.45
N PRO A 117 -3.58 -0.28 16.52
CA PRO A 117 -4.48 -0.13 15.39
C PRO A 117 -5.07 1.27 15.32
N VAL A 118 -5.17 1.78 14.09
CA VAL A 118 -5.70 3.09 13.83
C VAL A 118 -7.13 2.94 13.34
N PHE A 119 -8.01 3.79 13.84
CA PHE A 119 -9.42 3.74 13.51
C PHE A 119 -9.87 5.11 13.05
N SER A 120 -10.58 5.17 11.93
CA SER A 120 -11.09 6.46 11.47
C SER A 120 -12.39 6.39 10.69
N ILE A 121 -13.14 7.49 10.70
CA ILE A 121 -14.31 7.65 9.83
C ILE A 121 -13.85 8.44 8.62
N HIS A 122 -14.72 8.60 7.63
CA HIS A 122 -14.38 9.34 6.42
C HIS A 122 -14.85 10.80 6.48
N GLY A 123 -14.10 11.68 5.83
CA GLY A 123 -14.48 13.08 5.69
C GLY A 123 -14.95 13.47 4.32
N ASN A 124 -15.03 14.78 4.09
CA ASN A 124 -15.47 15.30 2.80
C ASN A 124 -14.37 15.28 1.73
N HIS A 125 -13.18 14.85 2.14
CA HIS A 125 -12.09 14.54 1.23
C HIS A 125 -11.90 13.03 1.25
N ASP A 126 -12.77 12.36 2.03
CA ASP A 126 -12.90 10.89 2.10
N ARG A 133 -14.06 2.45 -4.96
CA ARG A 133 -12.80 1.70 -5.03
C ARG A 133 -11.99 2.04 -6.29
N TYR A 134 -10.66 2.06 -6.20
CA TYR A 134 -9.91 2.35 -4.98
C TYR A 134 -8.91 3.42 -5.40
N SER A 135 -8.80 4.52 -4.65
CA SER A 135 -9.44 4.71 -3.36
C SER A 135 -8.37 4.76 -2.27
N ALA A 136 -8.27 5.91 -1.62
CA ALA A 136 -7.25 6.14 -0.60
C ALA A 136 -7.41 5.23 0.61
N LEU A 137 -8.65 5.05 1.04
CA LEU A 137 -8.96 4.22 2.19
C LEU A 137 -8.58 2.76 1.91
N ASP A 138 -8.86 2.33 0.69
CA ASP A 138 -8.62 0.94 0.30
C ASP A 138 -7.18 0.48 0.48
N ILE A 139 -6.20 1.33 0.16
CA ILE A 139 -4.83 0.88 0.20
C ILE A 139 -4.35 0.87 1.65
N LEU A 140 -4.75 1.88 2.42
CA LEU A 140 -4.40 1.94 3.84
C LEU A 140 -5.04 0.77 4.52
N GLN A 141 -6.35 0.65 4.36
CA GLN A 141 -7.14 -0.37 5.05
C GLN A 141 -6.82 -1.83 4.68
N VAL A 142 -6.47 -2.08 3.41
CA VAL A 142 -6.21 -3.44 2.94
C VAL A 142 -4.87 -3.99 3.46
N THR A 143 -3.98 -3.06 3.82
CA THR A 143 -2.70 -3.39 4.41
C THR A 143 -2.87 -3.61 5.90
N GLY A 144 -4.11 -3.45 6.38
CA GLY A 144 -4.43 -3.65 7.77
C GLY A 144 -3.87 -2.60 8.74
N LEU A 145 -3.50 -1.44 8.20
CA LEU A 145 -2.90 -0.39 9.00
C LEU A 145 -3.94 0.59 9.52
N VAL A 146 -4.85 0.98 8.65
CA VAL A 146 -5.97 1.82 9.03
C VAL A 146 -7.26 1.00 9.01
N ASN A 147 -8.10 1.21 10.01
CA ASN A 147 -9.43 0.60 10.00
C ASN A 147 -10.51 1.66 9.88
N TYR A 148 -11.33 1.53 8.84
CA TYR A 148 -12.36 2.49 8.57
C TYR A 148 -13.69 2.03 9.18
N PHE A 149 -14.40 2.98 9.78
CA PHE A 149 -15.66 2.68 10.46
C PHE A 149 -16.63 3.86 10.37
N GLY A 150 -17.92 3.56 10.54
CA GLY A 150 -18.94 4.60 10.55
C GLY A 150 -19.37 5.05 9.17
N ARG A 151 -18.93 4.33 8.14
CA ARG A 151 -19.28 4.68 6.78
C ARG A 151 -20.78 4.55 6.55
N VAL A 152 -21.34 5.46 5.77
CA VAL A 152 -22.77 5.46 5.48
C VAL A 152 -23.03 5.21 4.00
N PRO A 153 -23.92 4.26 3.72
CA PRO A 153 -24.20 3.87 2.33
C PRO A 153 -25.38 4.66 1.79
N GLU A 154 -26.49 4.65 2.52
CA GLU A 154 -27.63 5.48 2.18
C GLU A 154 -27.64 6.71 3.10
N ASN A 155 -27.82 7.90 2.52
CA ASN A 155 -27.92 9.13 3.29
C ASN A 155 -29.31 9.33 3.85
N ASP A 156 -30.30 8.79 3.13
CA ASP A 156 -31.70 8.90 3.47
C ASP A 156 -32.05 8.05 4.68
N ASN A 157 -31.43 6.88 4.74
CA ASN A 157 -31.63 5.94 5.83
C ASN A 157 -30.30 5.37 6.36
N ILE A 158 -29.88 5.84 7.52
CA ILE A 158 -28.57 5.49 8.08
C ILE A 158 -28.73 4.48 9.19
N VAL A 159 -27.88 3.45 9.20
CA VAL A 159 -27.88 2.47 10.29
C VAL A 159 -26.47 2.29 10.88
N VAL A 160 -26.21 2.95 12.01
CA VAL A 160 -24.88 2.94 12.62
C VAL A 160 -24.60 1.71 13.49
N SER A 161 -23.70 0.85 13.01
CA SER A 161 -23.25 -0.32 13.77
C SER A 161 -21.91 -0.05 14.43
N PRO A 162 -21.80 -0.31 15.74
CA PRO A 162 -20.60 0.01 16.50
C PRO A 162 -19.58 -1.11 16.52
N ILE A 163 -18.37 -0.68 16.83
CA ILE A 163 -17.25 -1.53 17.07
C ILE A 163 -17.26 -1.79 18.57
N LEU A 164 -17.10 -3.05 18.94
CA LEU A 164 -17.08 -3.41 20.34
C LEU A 164 -15.70 -3.90 20.72
N LEU A 165 -15.10 -3.26 21.72
CA LEU A 165 -13.75 -3.57 22.14
C LEU A 165 -13.73 -3.85 23.63
N GLN A 166 -12.90 -4.80 24.03
CA GLN A 166 -12.80 -5.19 25.42
C GLN A 166 -11.35 -5.07 25.86
N LYS A 167 -11.11 -4.29 26.91
CA LYS A 167 -9.82 -4.36 27.56
C LYS A 167 -10.02 -4.48 29.05
N GLY A 168 -9.65 -5.65 29.59
CA GLY A 168 -9.90 -5.98 30.98
C GLY A 168 -11.39 -6.08 31.21
N PHE A 169 -11.88 -5.36 32.23
CA PHE A 169 -13.30 -5.29 32.51
C PHE A 169 -14.01 -4.16 31.73
N THR A 170 -13.21 -3.23 31.21
CA THR A 170 -13.75 -2.08 30.47
C THR A 170 -14.20 -2.46 29.07
N LYS A 171 -15.42 -2.06 28.74
CA LYS A 171 -16.00 -2.32 27.43
C LYS A 171 -16.37 -1.02 26.70
N LEU A 172 -15.84 -0.86 25.48
CA LEU A 172 -16.00 0.35 24.68
C LEU A 172 -16.79 0.15 23.39
N ALA A 173 -17.92 0.84 23.27
CA ALA A 173 -18.73 0.84 22.05
C ALA A 173 -18.35 2.04 21.20
N LEU A 174 -17.87 1.77 19.98
CA LEU A 174 -17.36 2.82 19.13
C LEU A 174 -18.27 3.01 17.91
N TYR A 175 -19.05 4.09 17.92
CA TYR A 175 -19.98 4.39 16.84
C TYR A 175 -19.42 5.44 15.91
N GLY A 176 -19.65 5.27 14.62
CA GLY A 176 -19.15 6.21 13.64
C GLY A 176 -20.16 6.67 12.62
N ILE A 177 -20.10 7.96 12.28
CA ILE A 177 -20.80 8.49 11.11
C ILE A 177 -19.83 9.25 10.21
N SER A 178 -19.61 8.68 9.02
CA SER A 178 -18.80 9.30 7.98
C SER A 178 -19.50 10.54 7.49
N ASN A 179 -18.72 11.53 7.04
CA ASN A 179 -19.28 12.80 6.62
C ASN A 179 -20.51 12.70 5.70
N VAL A 180 -21.61 13.28 6.15
CA VAL A 180 -22.82 13.40 5.36
C VAL A 180 -23.02 14.90 5.14
N ARG A 181 -23.55 15.28 3.98
CA ARG A 181 -23.89 16.67 3.74
C ARG A 181 -24.83 17.16 4.84
N ASP A 182 -24.44 18.23 5.51
CA ASP A 182 -25.07 18.63 6.76
C ASP A 182 -26.58 18.82 6.70
N GLU A 183 -27.06 19.35 5.59
CA GLU A 183 -28.49 19.49 5.35
C GLU A 183 -29.17 18.13 5.27
N ARG A 184 -28.55 17.20 4.55
CA ARG A 184 -29.13 15.89 4.43
C ARG A 184 -29.09 15.22 5.78
N LEU A 185 -27.99 15.39 6.51
CA LEU A 185 -27.91 14.81 7.84
C LEU A 185 -28.98 15.40 8.75
N TYR A 186 -29.15 16.73 8.71
CA TYR A 186 -30.17 17.42 9.48
C TYR A 186 -31.56 16.82 9.29
N HIS A 187 -31.92 16.44 8.07
CA HIS A 187 -33.24 15.85 7.83
C HIS A 187 -33.36 14.38 8.20
N SER A 188 -32.29 13.65 8.02
CA SER A 188 -32.29 12.26 8.37
C SER A 188 -32.54 12.09 9.86
N PHE A 189 -31.91 12.94 10.68
CA PHE A 189 -32.17 12.89 12.10
C PHE A 189 -33.60 13.28 12.40
N ARG A 190 -34.03 14.40 11.83
CA ARG A 190 -35.37 14.97 12.07
C ARG A 190 -36.51 14.03 11.67
N GLU A 191 -36.28 13.21 10.65
CA GLU A 191 -37.29 12.25 10.18
C GLU A 191 -37.05 10.81 10.65
N ASN A 192 -36.21 10.67 11.68
CA ASN A 192 -35.92 9.36 12.27
C ASN A 192 -35.33 8.30 11.35
N LYS A 193 -34.32 8.68 10.58
CA LYS A 193 -33.70 7.76 9.66
C LYS A 193 -32.26 7.50 10.08
N VAL A 194 -31.98 7.72 11.35
CA VAL A 194 -30.66 7.40 11.92
C VAL A 194 -30.85 6.56 13.16
N LYS A 195 -30.67 5.25 13.01
CA LYS A 195 -30.84 4.30 14.09
C LYS A 195 -29.47 3.88 14.58
N PHE A 196 -29.35 3.65 15.88
CA PHE A 196 -28.10 3.18 16.44
C PHE A 196 -28.24 1.74 16.96
N LEU A 197 -27.75 0.76 16.21
CA LEU A 197 -27.70 -0.63 16.65
C LEU A 197 -26.83 -0.75 17.90
N ARG A 198 -27.48 -0.80 19.06
CA ARG A 198 -26.78 -0.95 20.31
C ARG A 198 -26.75 -2.44 20.65
N PRO A 199 -25.73 -2.87 21.39
CA PRO A 199 -25.63 -4.31 21.67
C PRO A 199 -26.42 -4.67 22.91
N ASP A 200 -26.88 -5.91 23.00
CA ASP A 200 -27.67 -6.34 24.16
C ASP A 200 -26.84 -7.13 25.18
N LEU A 201 -25.68 -7.61 24.75
CA LEU A 201 -24.71 -8.23 25.64
C LEU A 201 -24.09 -7.17 26.54
N TYR A 202 -24.35 -7.26 27.84
CA TYR A 202 -23.90 -6.27 28.83
C TYR A 202 -24.43 -4.89 28.52
N ARG A 203 -25.67 -4.84 28.04
CA ARG A 203 -26.39 -3.59 27.82
C ARG A 203 -26.21 -2.67 29.03
N ASP A 204 -25.99 -1.39 28.75
CA ASP A 204 -25.78 -0.37 29.78
C ASP A 204 -24.43 -0.47 30.50
N GLU A 205 -23.58 -1.40 30.08
CA GLU A 205 -22.23 -1.51 30.67
C GLU A 205 -21.12 -1.00 29.72
N TRP A 206 -21.51 -0.46 28.57
CA TRP A 206 -20.57 0.06 27.59
C TRP A 206 -20.33 1.55 27.74
N PHE A 207 -19.11 1.97 27.40
CA PHE A 207 -18.77 3.38 27.18
C PHE A 207 -19.02 3.68 25.71
N ASN A 208 -19.83 4.69 25.43
CA ASN A 208 -20.20 4.96 24.03
C ASN A 208 -19.54 6.21 23.46
N LEU A 209 -18.73 6.02 22.42
CA LEU A 209 -17.98 7.06 21.77
C LEU A 209 -18.68 7.35 20.43
N LEU A 210 -18.87 8.61 20.09
CA LEU A 210 -19.34 8.94 18.75
C LEU A 210 -18.30 9.75 18.01
N THR A 211 -17.99 9.32 16.79
CA THR A 211 -17.01 10.02 15.98
C THR A 211 -17.72 10.59 14.76
N VAL A 212 -17.80 11.92 14.67
CA VAL A 212 -18.51 12.56 13.56
C VAL A 212 -17.63 13.53 12.76
N HIS A 213 -18.13 13.94 11.59
CA HIS A 213 -17.43 14.87 10.71
C HIS A 213 -18.38 15.86 10.05
N GLN A 214 -18.94 16.76 10.85
CA GLN A 214 -19.93 17.70 10.38
C GLN A 214 -19.54 19.05 10.97
N ASN A 215 -20.16 20.14 10.49
CA ASN A 215 -19.94 21.44 11.11
C ASN A 215 -20.59 21.43 12.49
N HIS A 216 -19.94 21.99 13.51
CA HIS A 216 -20.52 22.02 14.86
C HIS A 216 -21.42 23.24 15.09
N SER A 217 -21.13 24.33 14.40
CA SER A 217 -21.96 25.52 14.47
C SER A 217 -22.12 25.98 13.03
N ALA A 218 -23.24 26.63 12.74
CA ALA A 218 -23.49 27.09 11.38
C ALA A 218 -24.26 28.41 11.31
N HIS A 219 -24.06 29.14 10.22
CA HIS A 219 -24.84 30.32 9.94
C HIS A 219 -26.28 29.93 9.77
N THR A 220 -26.48 28.80 9.11
CA THR A 220 -27.81 28.26 8.85
C THR A 220 -28.04 27.03 9.73
N PRO A 221 -29.23 26.95 10.33
CA PRO A 221 -29.53 25.90 11.30
C PRO A 221 -29.44 24.51 10.70
N THR A 222 -29.93 24.33 9.48
CA THR A 222 -29.84 23.03 8.82
C THR A 222 -28.47 22.70 8.23
N SER A 223 -27.49 23.59 8.35
CA SER A 223 -26.18 23.27 7.79
C SER A 223 -25.15 22.89 8.85
N TYR A 224 -25.63 22.32 9.95
CA TYR A 224 -24.76 21.78 10.96
C TYR A 224 -25.50 20.68 11.74
N LEU A 225 -24.77 20.01 12.64
CA LEU A 225 -25.35 18.95 13.43
C LEU A 225 -25.50 19.40 14.88
N PRO A 226 -26.73 19.66 15.32
CA PRO A 226 -27.00 20.13 16.68
C PRO A 226 -26.60 19.08 17.70
N GLU A 227 -25.95 19.45 18.78
CA GLU A 227 -25.61 18.49 19.84
C GLU A 227 -26.84 17.73 20.39
N SER A 228 -28.01 18.29 20.15
CA SER A 228 -29.24 17.76 20.72
C SER A 228 -29.75 16.61 19.88
N PHE A 229 -29.28 16.53 18.64
CA PHE A 229 -29.70 15.46 17.73
C PHE A 229 -28.98 14.14 18.06
N ILE A 230 -27.98 14.23 18.92
CA ILE A 230 -27.16 13.10 19.35
C ILE A 230 -27.66 12.51 20.67
N GLN A 231 -28.13 11.27 20.63
CA GLN A 231 -28.81 10.64 21.76
C GLN A 231 -28.05 10.63 23.10
N ASP A 232 -28.81 10.80 24.19
CA ASP A 232 -28.28 10.95 25.54
C ASP A 232 -27.41 9.78 26.04
N PHE A 233 -27.59 8.61 25.41
CA PHE A 233 -26.85 7.42 25.82
C PHE A 233 -25.36 7.48 25.58
N TYR A 234 -24.93 8.36 24.67
CA TYR A 234 -23.52 8.57 24.38
C TYR A 234 -22.84 9.24 25.57
N ASP A 235 -21.58 8.91 25.77
CA ASP A 235 -20.80 9.52 26.85
C ASP A 235 -19.71 10.45 26.29
N PHE A 236 -19.19 10.12 25.11
CA PHE A 236 -18.14 10.91 24.50
C PHE A 236 -18.44 11.12 23.04
N VAL A 237 -18.15 12.32 22.55
CA VAL A 237 -18.31 12.64 21.13
C VAL A 237 -17.06 13.33 20.57
N LEU A 238 -16.42 12.68 19.60
CA LEU A 238 -15.23 13.22 18.95
C LEU A 238 -15.67 14.01 17.74
N TRP A 239 -15.24 15.26 17.62
CA TRP A 239 -15.73 16.15 16.55
C TRP A 239 -14.71 16.48 15.47
N GLY A 240 -14.86 15.80 14.33
CA GLY A 240 -14.02 16.06 13.18
C GLY A 240 -14.46 17.29 12.43
N HIS A 241 -13.98 17.41 11.20
CA HIS A 241 -14.34 18.50 10.30
C HIS A 241 -13.76 19.84 10.68
N GLU A 242 -14.16 20.33 11.85
CA GLU A 242 -13.73 21.63 12.34
C GLU A 242 -12.28 21.57 12.76
N HIS A 243 -11.50 22.47 12.18
CA HIS A 243 -10.05 22.46 12.25
C HIS A 243 -9.48 23.17 13.45
N GLU A 244 -10.31 23.95 14.14
CA GLU A 244 -9.82 24.71 15.28
C GLU A 244 -9.66 23.85 16.51
N CYS A 245 -8.50 23.92 17.14
CA CYS A 245 -8.22 23.12 18.32
C CYS A 245 -9.04 23.59 19.50
N LEU A 246 -9.87 22.71 20.03
CA LEU A 246 -10.73 22.97 21.18
C LEU A 246 -10.70 21.71 22.00
N ILE A 247 -9.48 21.22 22.17
CA ILE A 247 -9.18 19.91 22.73
C ILE A 247 -9.71 19.70 24.17
N ASP A 248 -9.89 20.78 24.94
CA ASP A 248 -10.34 20.66 26.32
C ASP A 248 -11.79 20.22 26.41
N GLY A 249 -12.56 20.59 25.40
CA GLY A 249 -13.91 20.07 25.26
C GLY A 249 -15.00 20.85 25.94
N SER A 250 -16.12 20.17 26.17
CA SER A 250 -17.29 20.78 26.82
C SER A 250 -18.29 19.70 27.25
N TYR A 251 -18.96 19.92 28.38
CA TYR A 251 -19.98 18.98 28.84
C TYR A 251 -21.38 19.51 28.57
N ASN A 252 -22.14 18.73 27.82
CA ASN A 252 -23.54 18.99 27.54
C ASN A 252 -24.35 18.35 28.66
N PRO A 253 -25.01 19.16 29.50
CA PRO A 253 -25.64 18.60 30.70
C PRO A 253 -27.04 18.04 30.44
N THR A 254 -27.60 18.40 29.29
CA THR A 254 -28.92 17.95 28.86
C THR A 254 -28.80 16.58 28.17
N GLN A 255 -27.71 16.36 27.45
CA GLN A 255 -27.45 15.07 26.79
C GLN A 255 -26.42 14.26 27.58
N LYS A 256 -25.82 14.90 28.58
CA LYS A 256 -24.90 14.26 29.51
C LYS A 256 -23.66 13.64 28.85
N PHE A 257 -23.14 14.30 27.81
CA PHE A 257 -21.87 13.86 27.22
C PHE A 257 -20.81 14.96 27.10
N THR A 258 -19.60 14.52 26.75
CA THR A 258 -18.46 15.41 26.66
C THR A 258 -17.99 15.45 25.20
N VAL A 259 -17.92 16.66 24.66
CA VAL A 259 -17.59 16.84 23.25
C VAL A 259 -16.17 17.34 23.07
N VAL A 260 -15.33 16.56 22.40
CA VAL A 260 -13.99 17.03 22.08
C VAL A 260 -13.77 17.22 20.57
N GLN A 261 -13.49 18.47 20.20
CA GLN A 261 -13.08 18.85 18.86
C GLN A 261 -11.58 19.08 18.93
N PRO A 262 -10.77 18.09 18.49
CA PRO A 262 -9.31 18.19 18.57
C PRO A 262 -8.70 19.26 17.66
N GLY A 263 -9.36 19.53 16.53
CA GLY A 263 -8.83 20.44 15.55
C GLY A 263 -8.03 19.66 14.55
N SER A 264 -7.46 20.32 13.56
CA SER A 264 -6.63 19.65 12.57
C SER A 264 -5.20 19.52 13.07
N THR A 265 -4.33 18.99 12.22
CA THR A 265 -2.91 18.91 12.54
C THR A 265 -2.10 19.84 11.63
N ILE A 266 -2.80 20.50 10.72
CA ILE A 266 -2.17 21.44 9.82
C ILE A 266 -3.14 22.58 9.53
N ALA A 267 -2.62 23.79 9.35
CA ALA A 267 -3.44 24.96 8.99
C ALA A 267 -3.73 24.98 7.49
N THR A 268 -4.98 24.68 7.16
CA THR A 268 -5.44 24.38 5.81
C THR A 268 -5.91 25.64 5.09
N SER A 269 -5.96 26.73 5.85
CA SER A 269 -6.18 28.09 5.35
C SER A 269 -5.75 29.06 6.43
N LEU A 270 -5.63 30.33 6.09
CA LEU A 270 -5.28 31.36 7.06
C LEU A 270 -6.51 32.00 7.70
N SER A 271 -7.28 31.19 8.45
CA SER A 271 -8.48 31.62 9.13
C SER A 271 -8.19 31.74 10.64
N PRO A 272 -8.98 32.54 11.38
CA PRO A 272 -8.68 32.71 12.80
C PRO A 272 -8.71 31.42 13.60
N GLY A 273 -9.47 30.44 13.12
CA GLY A 273 -9.58 29.17 13.81
C GLY A 273 -8.33 28.33 13.72
N GLU A 274 -7.50 28.57 12.71
CA GLU A 274 -6.30 27.78 12.48
C GLU A 274 -5.11 28.33 13.27
N THR A 275 -5.33 29.45 13.95
CA THR A 275 -4.29 30.12 14.73
C THR A 275 -4.17 29.51 16.13
N ALA A 276 -5.29 29.04 16.68
CA ALA A 276 -5.26 28.32 17.94
C ALA A 276 -4.29 27.14 17.82
N PRO A 277 -3.30 27.11 18.73
CA PRO A 277 -2.25 26.09 18.81
C PRO A 277 -2.78 24.64 18.81
N LYS A 278 -2.32 23.88 17.83
CA LYS A 278 -2.78 22.51 17.64
C LYS A 278 -2.32 21.58 18.76
N HIS A 279 -3.21 20.66 19.14
CA HIS A 279 -2.90 19.57 20.04
C HIS A 279 -3.51 18.27 19.50
N CYS A 280 -3.19 17.18 20.17
CA CYS A 280 -3.94 15.93 20.06
C CYS A 280 -4.28 15.56 21.51
N GLY A 281 -4.81 14.37 21.73
CA GLY A 281 -5.17 14.00 23.09
C GLY A 281 -5.18 12.50 23.38
N ILE A 282 -4.81 12.15 24.61
CA ILE A 282 -4.96 10.78 25.06
C ILE A 282 -6.21 10.67 25.91
N LEU A 283 -7.14 9.86 25.44
CA LEU A 283 -8.36 9.58 26.17
C LEU A 283 -8.17 8.26 26.92
N ASN A 284 -8.00 8.37 28.24
CA ASN A 284 -7.90 7.22 29.10
C ASN A 284 -9.29 6.77 29.60
N ILE A 285 -9.86 5.75 28.98
CA ILE A 285 -11.16 5.25 29.38
C ILE A 285 -11.03 4.06 30.33
N THR A 286 -11.57 4.20 31.54
CA THR A 286 -11.59 3.08 32.47
C THR A 286 -12.99 2.83 33.00
N GLY A 287 -13.60 1.72 32.61
CA GLY A 287 -14.95 1.39 33.00
C GLY A 287 -15.98 2.28 32.32
N LYS A 288 -16.37 3.34 33.00
CA LYS A 288 -17.25 4.35 32.43
C LYS A 288 -16.80 5.80 32.71
N ASP A 289 -15.80 5.95 33.58
CA ASP A 289 -15.16 7.25 33.76
C ASP A 289 -14.06 7.39 32.72
N PHE A 290 -13.70 8.62 32.41
CA PHE A 290 -12.58 8.88 31.50
C PHE A 290 -11.76 10.08 31.94
N HIS A 291 -10.52 10.12 31.49
CA HIS A 291 -9.64 11.24 31.71
C HIS A 291 -9.01 11.61 30.37
N LEU A 292 -8.96 12.90 30.07
CA LEU A 292 -8.36 13.33 28.82
C LEU A 292 -7.19 14.27 29.07
N GLU A 293 -6.05 13.95 28.48
CA GLU A 293 -4.86 14.78 28.64
C GLU A 293 -4.46 15.37 27.29
N LYS A 294 -4.27 16.69 27.27
CA LYS A 294 -3.93 17.37 26.02
C LYS A 294 -2.42 17.36 25.81
N ILE A 295 -2.02 17.30 24.55
CA ILE A 295 -0.61 17.20 24.19
C ILE A 295 -0.32 18.12 23.02
N ARG A 296 0.49 19.14 23.28
CA ARG A 296 0.87 20.10 22.25
C ARG A 296 1.62 19.44 21.10
N LEU A 297 1.23 19.78 19.87
CA LEU A 297 1.96 19.32 18.69
C LEU A 297 3.09 20.28 18.38
N ARG A 298 4.31 19.74 18.29
CA ARG A 298 5.50 20.56 18.08
C ARG A 298 5.71 20.80 16.60
N THR A 299 5.40 19.80 15.79
CA THR A 299 5.74 19.85 14.38
C THR A 299 4.89 20.79 13.54
N VAL A 300 3.91 21.47 14.14
CA VAL A 300 3.09 22.41 13.37
C VAL A 300 3.72 23.79 13.28
N ARG A 301 3.71 24.33 12.07
CA ARG A 301 4.21 25.66 11.77
C ARG A 301 3.36 26.77 12.44
N PRO A 302 4.04 27.74 13.09
CA PRO A 302 3.35 28.83 13.78
C PRO A 302 2.52 29.71 12.85
N PHE A 303 1.36 30.13 13.36
CA PHE A 303 0.44 30.98 12.63
C PHE A 303 -0.08 32.06 13.58
N ILE A 304 0.39 33.29 13.38
CA ILE A 304 -0.13 34.44 14.11
C ILE A 304 -0.93 35.36 13.20
N MET A 305 -2.14 35.69 13.64
CA MET A 305 -3.00 36.58 12.88
C MET A 305 -3.30 37.82 13.71
N LYS A 306 -3.15 39.00 13.09
CA LYS A 306 -3.48 40.28 13.74
C LYS A 306 -4.50 41.11 12.94
N ASP A 307 -5.53 41.58 13.63
CA ASP A 307 -6.53 42.45 13.00
C ASP A 307 -6.30 43.93 13.32
N ILE A 308 -6.06 44.72 12.27
CA ILE A 308 -5.69 46.12 12.40
C ILE A 308 -6.83 46.99 11.90
N ILE A 309 -7.24 47.97 12.70
CA ILE A 309 -8.31 48.88 12.32
C ILE A 309 -7.75 50.26 11.95
N LEU A 310 -8.19 50.79 10.82
CA LEU A 310 -7.74 52.10 10.36
C LEU A 310 -8.14 53.19 11.34
N SER A 311 -9.38 53.13 11.83
CA SER A 311 -9.88 54.11 12.78
C SER A 311 -9.09 54.07 14.07
N GLU A 312 -8.75 52.87 14.53
CA GLU A 312 -7.99 52.71 15.77
C GLU A 312 -6.61 53.34 15.67
N VAL A 313 -5.98 53.18 14.51
CA VAL A 313 -4.65 53.74 14.27
C VAL A 313 -4.69 55.26 14.31
N SER A 314 -3.65 55.86 14.87
CA SER A 314 -3.56 57.31 14.97
C SER A 314 -2.11 57.78 14.84
N VAL A 320 -5.92 60.49 1.51
CA VAL A 320 -5.38 61.34 2.57
C VAL A 320 -3.88 61.58 2.38
N GLU A 321 -3.37 61.20 1.21
CA GLU A 321 -1.97 61.37 0.89
C GLU A 321 -1.08 60.68 1.92
N ASN A 322 -1.49 59.49 2.37
CA ASN A 322 -0.65 58.76 3.32
C ASN A 322 -0.11 57.46 2.74
N LYS A 323 1.22 57.36 2.66
CA LYS A 323 1.87 56.13 2.23
C LYS A 323 2.88 55.62 3.26
N LYS A 324 3.79 56.50 3.67
CA LYS A 324 4.86 56.16 4.60
C LYS A 324 4.35 55.74 5.97
N GLU A 325 3.35 56.45 6.47
CA GLU A 325 2.81 56.20 7.80
C GLU A 325 2.21 54.81 7.90
N VAL A 326 1.52 54.39 6.84
CA VAL A 326 0.84 53.10 6.83
C VAL A 326 1.86 51.97 6.61
N LEU A 327 2.65 52.10 5.54
CA LEU A 327 3.66 51.11 5.18
C LEU A 327 4.62 50.77 6.33
N THR A 328 5.25 51.78 6.92
CA THR A 328 6.19 51.53 8.02
C THR A 328 5.52 50.84 9.20
N TYR A 329 4.31 51.30 9.55
CA TYR A 329 3.56 50.72 10.66
C TYR A 329 3.25 49.25 10.44
N LEU A 330 2.68 48.95 9.28
CA LEU A 330 2.35 47.56 8.95
C LEU A 330 3.58 46.66 8.81
N ILE A 331 4.63 47.16 8.16
CA ILE A 331 5.86 46.39 8.00
C ILE A 331 6.54 46.11 9.36
N SER A 332 6.44 47.07 10.28
CA SER A 332 6.95 46.88 11.64
C SER A 332 5.96 46.09 12.48
N LYS A 333 4.72 45.99 12.02
CA LYS A 333 3.69 45.21 12.69
C LYS A 333 3.74 43.73 12.25
N VAL A 334 4.24 43.50 11.04
CA VAL A 334 4.50 42.14 10.57
C VAL A 334 5.73 41.62 11.28
N GLU A 335 6.75 42.47 11.39
CA GLU A 335 7.96 42.08 12.12
C GLU A 335 7.64 41.90 13.60
N GLU A 336 6.50 42.43 14.04
CA GLU A 336 6.06 42.20 15.41
C GLU A 336 5.54 40.77 15.55
N ALA A 337 4.69 40.36 14.62
CA ALA A 337 4.08 39.02 14.62
C ALA A 337 5.11 37.90 14.46
N ILE A 338 6.10 38.13 13.61
CA ILE A 338 7.18 37.16 13.40
C ILE A 338 7.86 36.77 14.72
N THR A 339 8.26 37.76 15.52
CA THR A 339 8.90 37.45 16.80
C THR A 339 7.92 36.88 17.83
N GLU A 340 6.62 37.12 17.64
CA GLU A 340 5.62 36.53 18.52
C GLU A 340 5.38 35.07 18.14
N ALA A 341 5.48 34.78 16.84
CA ALA A 341 5.36 33.43 16.31
C ALA A 341 6.59 32.56 16.60
N ASN A 342 7.75 33.19 16.69
CA ASN A 342 8.97 32.48 17.06
C ASN A 342 8.87 32.04 18.50
N ALA A 343 8.25 32.89 19.31
CA ALA A 343 8.11 32.64 20.74
C ALA A 343 7.31 31.37 20.96
N GLN A 344 6.26 31.20 20.15
CA GLN A 344 5.35 30.08 20.37
C GLN A 344 5.84 28.77 19.76
N TRP A 345 6.77 28.84 18.81
CA TRP A 345 7.39 27.60 18.32
C TRP A 345 8.34 27.03 19.38
N TYR A 346 8.95 27.92 20.15
CA TYR A 346 9.83 27.52 21.25
C TYR A 346 8.98 26.99 22.39
N GLU A 347 7.82 27.61 22.58
CA GLU A 347 6.89 27.22 23.60
C GLU A 347 6.21 25.90 23.22
N ALA A 348 5.87 25.76 21.94
CA ALA A 348 5.25 24.53 21.44
C ALA A 348 6.21 23.36 21.54
N GLN A 349 7.45 23.63 21.15
CA GLN A 349 8.54 22.66 21.24
C GLN A 349 8.89 22.34 22.68
N GLU A 358 17.53 24.91 16.97
CA GLU A 358 18.25 25.95 16.26
C GLU A 358 17.28 26.99 15.69
N LYS A 359 17.22 27.12 14.37
CA LYS A 359 16.31 28.06 13.73
C LYS A 359 14.89 27.49 13.70
N PRO A 360 13.88 28.33 14.02
CA PRO A 360 12.49 27.89 13.86
C PRO A 360 12.10 27.95 12.40
N PRO A 361 10.96 27.35 12.03
CA PRO A 361 10.61 27.36 10.61
C PRO A 361 9.94 28.67 10.25
N LEU A 362 9.89 28.99 8.97
CA LEU A 362 9.24 30.21 8.50
C LEU A 362 7.79 30.26 8.96
N PRO A 363 7.38 31.35 9.64
CA PRO A 363 6.05 31.38 10.25
C PRO A 363 4.98 31.75 9.25
N LEU A 364 3.73 31.49 9.59
CA LEU A 364 2.61 31.94 8.78
C LEU A 364 2.01 33.19 9.40
N ILE A 365 1.94 34.28 8.63
CA ILE A 365 1.49 35.55 9.16
C ILE A 365 0.38 36.15 8.33
N ARG A 366 -0.73 36.49 8.97
CA ARG A 366 -1.84 37.12 8.28
C ARG A 366 -2.27 38.36 9.03
N LEU A 367 -2.41 39.46 8.30
CA LEU A 367 -2.92 40.71 8.84
C LEU A 367 -4.25 41.04 8.19
N ARG A 368 -5.28 41.27 9.01
CA ARG A 368 -6.56 41.76 8.50
C ARG A 368 -6.70 43.26 8.80
N VAL A 369 -6.59 44.11 7.78
CA VAL A 369 -6.70 45.54 8.03
C VAL A 369 -7.87 46.27 7.34
N ASP A 370 -8.52 47.13 8.11
CA ASP A 370 -9.65 47.93 7.69
C ASP A 370 -9.15 49.32 7.29
N TYR A 371 -9.10 49.59 5.99
CA TYR A 371 -8.59 50.87 5.52
C TYR A 371 -9.69 51.90 5.30
N THR A 372 -10.79 51.77 6.03
CA THR A 372 -11.84 52.79 6.02
C THR A 372 -11.32 54.03 6.71
N GLY A 373 -11.89 55.18 6.37
CA GLY A 373 -11.48 56.43 6.96
C GLY A 373 -10.44 57.19 6.15
N GLY A 374 -10.40 56.91 4.85
CA GLY A 374 -9.51 57.62 3.94
C GLY A 374 -8.03 57.38 4.20
N TYR A 375 -7.63 56.12 4.10
CA TYR A 375 -6.23 55.77 4.26
C TYR A 375 -5.69 55.18 2.96
N GLN A 376 -4.47 55.56 2.60
CA GLN A 376 -3.89 55.15 1.33
C GLN A 376 -3.32 53.73 1.44
N THR A 377 -3.83 52.85 0.57
CA THR A 377 -3.53 51.42 0.64
C THR A 377 -2.38 51.00 -0.27
N GLU A 378 -2.37 49.73 -0.67
CA GLU A 378 -1.41 49.21 -1.65
C GLU A 378 -1.90 47.87 -2.20
N ASN A 379 -1.09 47.28 -3.09
CA ASN A 379 -1.39 45.98 -3.69
C ASN A 379 -1.09 44.83 -2.72
N PRO A 380 -2.04 43.88 -2.57
CA PRO A 380 -1.97 42.77 -1.60
C PRO A 380 -0.71 41.92 -1.74
N GLN A 381 -0.49 41.35 -2.93
CA GLN A 381 0.67 40.53 -3.18
C GLN A 381 1.98 41.34 -3.15
N ARG A 382 1.91 42.59 -3.60
CA ARG A 382 3.06 43.49 -3.62
C ARG A 382 3.63 43.62 -2.21
N PHE A 383 2.74 43.83 -1.24
CA PHE A 383 3.11 43.87 0.17
C PHE A 383 3.64 42.51 0.64
N SER A 384 3.24 41.44 -0.04
CA SER A 384 3.63 40.10 0.36
C SER A 384 4.90 39.59 -0.34
N ASN A 385 5.35 40.35 -1.34
CA ASN A 385 6.62 40.07 -2.00
C ASN A 385 7.73 40.74 -1.19
N ARG A 386 7.30 41.56 -0.23
CA ARG A 386 8.23 42.31 0.61
C ARG A 386 8.75 41.45 1.75
N PHE A 387 8.12 40.30 1.95
CA PHE A 387 8.51 39.43 3.05
C PHE A 387 8.99 38.03 2.63
N VAL A 388 9.28 37.86 1.35
CA VAL A 388 9.79 36.60 0.83
C VAL A 388 11.03 36.15 1.58
N GLY A 389 11.05 34.88 2.00
CA GLY A 389 12.15 34.33 2.76
C GLY A 389 12.03 34.61 4.25
N ARG A 390 11.04 35.40 4.63
CA ARG A 390 10.86 35.80 6.02
C ARG A 390 9.56 35.20 6.59
N VAL A 391 8.60 34.93 5.71
CA VAL A 391 7.34 34.26 6.08
C VAL A 391 7.03 33.15 5.07
N ALA A 392 6.33 32.12 5.52
CA ALA A 392 6.06 30.94 4.68
C ALA A 392 4.89 31.09 3.73
N ASN A 393 4.00 32.02 4.03
CA ASN A 393 2.88 32.33 3.14
C ASN A 393 3.24 33.39 2.11
N ALA A 394 4.01 32.94 1.13
CA ALA A 394 4.60 33.77 0.09
C ALA A 394 3.61 34.69 -0.70
N THR A 395 2.30 34.64 -0.41
CA THR A 395 1.37 35.37 -1.26
C THR A 395 0.38 36.28 -0.59
N ASP A 396 -0.25 35.84 0.48
CA ASP A 396 -1.28 36.66 1.11
C ASP A 396 -1.02 36.95 2.58
N VAL A 397 -0.05 37.82 2.83
CA VAL A 397 0.30 38.18 4.19
C VAL A 397 -0.70 39.19 4.74
N VAL A 398 -1.45 39.83 3.85
CA VAL A 398 -2.41 40.83 4.27
C VAL A 398 -3.69 40.81 3.44
N GLN A 399 -4.79 41.22 4.06
CA GLN A 399 -6.00 41.52 3.31
C GLN A 399 -6.56 42.85 3.74
N PHE A 400 -6.96 43.66 2.77
CA PHE A 400 -7.49 44.99 3.04
C PHE A 400 -9.01 44.99 2.88
N TYR A 401 -9.75 45.18 3.98
CA TYR A 401 -11.21 45.24 3.91
C TYR A 401 -11.78 46.61 4.28
N LEU A 402 -13.09 46.79 4.09
CA LEU A 402 -13.74 48.06 4.41
C LEU A 402 -14.89 47.88 5.41
N GLY B 4 7.80 -31.68 13.33
CA GLY B 4 8.37 -30.44 13.82
C GLY B 4 9.75 -30.63 14.41
N SER B 5 10.65 -29.66 14.20
CA SER B 5 12.04 -29.77 14.67
C SER B 5 12.63 -28.54 15.44
N GLU B 6 13.04 -27.42 14.81
CA GLU B 6 13.12 -27.16 13.37
C GLU B 6 14.43 -26.44 13.01
N ASN B 7 15.06 -26.91 11.95
CA ASN B 7 16.35 -26.38 11.52
C ASN B 7 16.35 -26.26 10.02
N THR B 8 15.14 -26.27 9.45
CA THR B 8 14.95 -26.17 8.02
C THR B 8 14.40 -24.78 7.65
N ILE B 9 15.13 -24.09 6.79
CA ILE B 9 14.62 -22.91 6.15
C ILE B 9 13.82 -23.33 4.92
N ARG B 10 12.50 -23.18 5.00
CA ARG B 10 11.62 -23.46 3.88
C ARG B 10 11.27 -22.16 3.11
N ILE B 11 11.56 -22.16 1.81
CA ILE B 11 11.34 -21.00 0.97
C ILE B 11 10.46 -21.32 -0.23
N LEU B 12 9.32 -20.64 -0.35
CA LEU B 12 8.51 -20.73 -1.55
C LEU B 12 9.18 -19.98 -2.70
N ILE B 13 9.56 -20.70 -3.74
CA ILE B 13 10.21 -20.05 -4.88
C ILE B 13 9.24 -19.88 -6.04
N SER B 14 9.27 -18.69 -6.64
CA SER B 14 8.42 -18.36 -7.77
C SER B 14 9.02 -17.15 -8.44
N SER B 15 8.50 -16.80 -9.61
CA SER B 15 8.99 -15.65 -10.34
C SER B 15 7.97 -15.13 -11.31
N ASP B 16 8.25 -13.94 -11.85
CA ASP B 16 7.43 -13.22 -12.82
C ASP B 16 5.93 -13.31 -12.61
N PRO B 17 5.42 -12.84 -11.48
CA PRO B 17 3.96 -12.96 -11.37
C PRO B 17 3.20 -12.02 -12.34
N HIS B 18 3.84 -10.91 -12.72
CA HIS B 18 3.31 -9.93 -13.67
C HIS B 18 1.93 -9.38 -13.29
N VAL B 19 1.80 -8.99 -12.03
CA VAL B 19 0.56 -8.45 -11.51
C VAL B 19 0.11 -7.26 -12.33
N GLY B 20 -1.04 -7.38 -12.98
CA GLY B 20 -1.56 -6.29 -13.78
C GLY B 20 -1.72 -6.64 -15.24
N TYR B 21 -1.08 -7.71 -15.70
CA TYR B 21 -1.11 -8.11 -17.12
C TYR B 21 -2.48 -8.46 -17.66
N GLY B 22 -2.97 -7.67 -18.60
CA GLY B 22 -4.26 -7.96 -19.21
C GLY B 22 -5.41 -7.53 -18.33
N GLU B 23 -5.11 -6.58 -17.46
CA GLU B 23 -6.02 -6.00 -16.49
C GLU B 23 -7.41 -5.71 -17.04
N LYS B 24 -7.45 -5.12 -18.21
CA LYS B 24 -8.70 -4.58 -18.76
C LYS B 24 -9.33 -5.48 -19.83
N ASP B 25 -9.07 -6.77 -19.74
CA ASP B 25 -9.69 -7.72 -20.67
C ASP B 25 -10.91 -8.31 -19.98
N PRO B 26 -12.00 -8.53 -20.72
CA PRO B 26 -13.21 -9.02 -20.04
C PRO B 26 -12.99 -10.39 -19.39
N VAL B 27 -12.31 -11.28 -20.11
CA VAL B 27 -12.11 -12.65 -19.67
C VAL B 27 -10.91 -12.81 -18.75
N ARG B 28 -9.71 -12.51 -19.27
CA ARG B 28 -8.47 -12.78 -18.55
C ARG B 28 -8.10 -11.72 -17.52
N GLY B 29 -8.84 -10.62 -17.51
CA GLY B 29 -8.59 -9.50 -16.62
C GLY B 29 -8.07 -9.81 -15.23
N ASN B 30 -8.56 -10.90 -14.63
CA ASN B 30 -8.24 -11.17 -13.23
C ASN B 30 -7.19 -12.25 -12.98
N ASP B 31 -6.72 -12.90 -14.04
CA ASP B 31 -5.74 -13.99 -13.93
C ASP B 31 -4.52 -13.62 -13.09
N SER B 32 -3.82 -12.55 -13.48
CA SER B 32 -2.61 -12.11 -12.79
C SER B 32 -2.76 -11.97 -11.29
N PHE B 33 -3.85 -11.31 -10.88
CA PHE B 33 -4.14 -11.11 -9.46
C PHE B 33 -4.31 -12.43 -8.71
N VAL B 34 -5.09 -13.35 -9.28
CA VAL B 34 -5.42 -14.61 -8.58
C VAL B 34 -4.23 -15.56 -8.50
N SER B 35 -3.52 -15.70 -9.62
CA SER B 35 -2.36 -16.55 -9.65
C SER B 35 -1.28 -16.06 -8.72
N PHE B 36 -1.08 -14.75 -8.65
CA PHE B 36 -0.15 -14.17 -7.70
C PHE B 36 -0.63 -14.38 -6.27
N ASN B 37 -1.95 -14.44 -6.10
CA ASN B 37 -2.51 -14.70 -4.78
C ASN B 37 -2.35 -16.15 -4.41
N GLU B 38 -2.46 -17.03 -5.41
CA GLU B 38 -2.30 -18.45 -5.15
C GLU B 38 -0.91 -18.78 -4.61
N ILE B 39 0.10 -18.27 -5.32
CA ILE B 39 1.49 -18.36 -4.89
C ILE B 39 1.64 -18.13 -3.40
N LEU B 40 0.99 -17.08 -2.92
CA LEU B 40 1.10 -16.67 -1.52
C LEU B 40 0.20 -17.51 -0.62
N GLU B 41 -0.92 -17.94 -1.19
CA GLU B 41 -1.89 -18.80 -0.51
C GLU B 41 -1.29 -20.16 -0.19
N ILE B 42 -0.47 -20.66 -1.11
CA ILE B 42 0.19 -21.95 -0.98
C ILE B 42 1.24 -21.82 0.10
N ALA B 43 2.12 -20.84 -0.05
CA ALA B 43 3.12 -20.53 0.96
C ALA B 43 2.59 -20.58 2.38
N ARG B 44 1.36 -20.10 2.55
CA ARG B 44 0.69 -20.11 3.83
C ARG B 44 0.13 -21.51 4.18
N GLU B 45 -0.45 -22.18 3.19
CA GLU B 45 -0.99 -23.53 3.39
C GLU B 45 0.10 -24.50 3.76
N ARG B 46 1.32 -24.19 3.35
CA ARG B 46 2.43 -25.10 3.54
C ARG B 46 3.41 -24.63 4.61
N ASP B 47 3.03 -23.60 5.35
CA ASP B 47 3.80 -23.13 6.51
C ASP B 47 5.31 -22.92 6.26
N VAL B 48 5.63 -22.16 5.21
CA VAL B 48 7.03 -21.89 4.89
C VAL B 48 7.57 -20.74 5.72
N ASP B 49 8.88 -20.60 5.76
CA ASP B 49 9.48 -19.58 6.60
C ASP B 49 9.58 -18.23 5.88
N MET B 50 9.63 -18.26 4.55
CA MET B 50 9.78 -17.06 3.72
C MET B 50 9.42 -17.30 2.26
N ILE B 51 9.17 -16.22 1.53
CA ILE B 51 8.94 -16.30 0.09
C ILE B 51 10.05 -15.57 -0.68
N LEU B 52 10.43 -16.11 -1.84
CA LEU B 52 11.48 -15.50 -2.65
C LEU B 52 11.04 -15.42 -4.11
N LEU B 53 11.00 -14.21 -4.65
CA LEU B 53 10.64 -14.08 -6.07
C LEU B 53 11.78 -13.55 -6.95
N GLY B 54 11.78 -14.00 -8.20
CA GLY B 54 12.77 -13.61 -9.18
C GLY B 54 12.58 -12.28 -9.89
N GLY B 55 11.45 -11.62 -9.66
CA GLY B 55 11.22 -10.29 -10.21
C GLY B 55 10.14 -10.28 -11.26
N ASP B 56 9.89 -9.10 -11.85
CA ASP B 56 8.77 -8.84 -12.76
C ASP B 56 7.42 -8.99 -12.07
N ILE B 57 7.43 -8.52 -10.84
CA ILE B 57 6.28 -8.54 -9.96
C ILE B 57 5.08 -7.79 -10.55
N PHE B 58 5.29 -6.52 -10.92
CA PHE B 58 4.25 -5.75 -11.62
C PHE B 58 4.53 -5.70 -13.10
N HIS B 59 3.50 -5.90 -13.90
CA HIS B 59 3.61 -5.87 -15.34
C HIS B 59 3.81 -4.45 -15.87
N ASP B 60 3.10 -3.50 -15.27
CA ASP B 60 3.19 -2.12 -15.74
C ASP B 60 4.14 -1.29 -14.91
N ASN B 61 4.71 -0.25 -15.55
CA ASN B 61 5.71 0.64 -14.95
C ASN B 61 5.12 1.39 -13.79
N LYS B 62 4.04 2.09 -14.10
CA LYS B 62 3.18 2.63 -13.07
C LYS B 62 1.92 1.75 -13.00
N PRO B 63 1.92 0.72 -12.13
CA PRO B 63 0.71 -0.11 -12.08
C PRO B 63 -0.49 0.67 -11.57
N SER B 64 -1.68 0.28 -11.99
CA SER B 64 -2.91 0.99 -11.66
C SER B 64 -3.18 0.96 -10.17
N ARG B 65 -4.14 1.76 -9.73
CA ARG B 65 -4.50 1.77 -8.33
C ARG B 65 -5.16 0.45 -7.96
N LYS B 66 -5.70 -0.23 -8.97
CA LYS B 66 -6.30 -1.56 -8.82
C LYS B 66 -5.24 -2.65 -8.71
N ALA B 67 -4.24 -2.58 -9.57
CA ALA B 67 -3.16 -3.55 -9.58
C ALA B 67 -2.42 -3.51 -8.26
N LEU B 68 -2.18 -2.30 -7.78
CA LEU B 68 -1.50 -2.08 -6.51
C LEU B 68 -2.35 -2.60 -5.35
N TYR B 69 -3.67 -2.46 -5.48
CA TYR B 69 -4.59 -2.83 -4.42
C TYR B 69 -4.62 -4.33 -4.20
N GLN B 70 -4.67 -5.08 -5.30
CA GLN B 70 -4.76 -6.53 -5.25
C GLN B 70 -3.50 -7.16 -4.68
N ALA B 71 -2.35 -6.70 -5.16
CA ALA B 71 -1.10 -7.24 -4.67
C ALA B 71 -1.01 -7.08 -3.15
N LEU B 72 -1.34 -5.91 -2.64
CA LEU B 72 -1.30 -5.70 -1.20
C LEU B 72 -2.36 -6.52 -0.46
N ARG B 73 -3.51 -6.73 -1.11
CA ARG B 73 -4.60 -7.51 -0.52
C ARG B 73 -4.15 -8.94 -0.30
N SER B 74 -3.50 -9.49 -1.32
CA SER B 74 -2.99 -10.85 -1.30
C SER B 74 -1.87 -10.99 -0.30
N LEU B 75 -1.03 -9.97 -0.21
CA LEU B 75 0.08 -9.97 0.72
C LEU B 75 -0.39 -9.92 2.18
N ARG B 76 -1.38 -9.08 2.46
CA ARG B 76 -1.91 -9.02 3.81
C ARG B 76 -2.59 -10.35 4.18
N LEU B 77 -3.54 -10.80 3.35
CA LEU B 77 -4.33 -12.00 3.63
C LEU B 77 -3.52 -13.25 3.92
N ASN B 78 -2.46 -13.46 3.13
CA ASN B 78 -1.69 -14.69 3.25
C ASN B 78 -0.34 -14.52 3.95
N CYS B 79 0.28 -13.35 3.84
CA CYS B 79 1.66 -13.19 4.34
C CYS B 79 1.83 -12.32 5.61
N LEU B 80 0.91 -11.39 5.85
CA LEU B 80 1.06 -10.46 6.97
C LEU B 80 1.10 -11.14 8.33
N GLY B 81 0.17 -12.08 8.53
CA GLY B 81 0.06 -12.79 9.79
C GLY B 81 -0.72 -12.05 10.86
N ASP B 82 -0.94 -12.71 11.99
CA ASP B 82 -1.65 -12.13 13.13
C ASP B 82 -0.90 -10.97 13.77
N LYS B 83 -1.64 -9.98 14.25
CA LYS B 83 -1.07 -8.84 14.96
C LYS B 83 -1.63 -8.82 16.38
N PRO B 84 -0.77 -8.48 17.37
CA PRO B 84 -1.06 -8.43 18.80
C PRO B 84 -2.56 -8.54 19.26
N CYS B 85 -3.37 -7.52 19.59
CA CYS B 85 -3.11 -6.09 19.70
C CYS B 85 -3.34 -5.66 21.16
N GLU B 86 -3.42 -6.65 22.06
CA GLU B 86 -3.78 -6.48 23.49
C GLU B 86 -5.23 -6.02 23.75
N LEU B 87 -5.97 -5.81 22.68
CA LEU B 87 -7.34 -5.33 22.74
C LEU B 87 -8.23 -6.33 22.03
N GLU B 88 -9.33 -6.69 22.66
CA GLU B 88 -10.20 -7.71 22.09
C GLU B 88 -11.34 -7.10 21.31
N LEU B 89 -11.31 -7.25 19.99
CA LEU B 89 -12.45 -6.87 19.16
C LEU B 89 -13.53 -7.95 19.25
N LEU B 90 -14.74 -7.54 19.60
CA LEU B 90 -15.85 -8.47 19.82
C LEU B 90 -16.82 -8.51 18.66
N SER B 91 -16.51 -7.74 17.61
CA SER B 91 -17.34 -7.65 16.40
C SER B 91 -18.73 -7.09 16.68
N LEU B 108 -1.59 -14.01 22.21
CA LEU B 108 -0.74 -14.96 21.49
C LEU B 108 -0.96 -16.41 21.95
N ASP B 109 -1.89 -17.08 21.26
CA ASP B 109 -2.25 -18.47 21.54
C ASP B 109 -1.24 -19.45 20.95
N PRO B 110 -1.62 -20.74 20.87
CA PRO B 110 -0.68 -21.65 20.20
C PRO B 110 -0.96 -21.78 18.70
N ASN B 111 -2.13 -21.31 18.26
CA ASN B 111 -2.48 -21.35 16.85
C ASN B 111 -2.31 -19.99 16.13
N ILE B 112 -1.37 -19.18 16.61
CA ILE B 112 -1.07 -17.90 15.97
C ILE B 112 -0.45 -18.09 14.59
N ASN B 113 -0.78 -17.19 13.66
CA ASN B 113 -0.20 -17.15 12.32
C ASN B 113 0.99 -16.20 12.30
N VAL B 114 2.15 -16.70 11.88
CA VAL B 114 3.35 -15.87 11.84
C VAL B 114 3.52 -15.17 10.49
N ALA B 115 4.35 -14.13 10.47
CA ALA B 115 4.66 -13.45 9.24
C ALA B 115 5.52 -14.32 8.31
N ILE B 116 5.18 -14.29 7.03
CA ILE B 116 5.98 -14.94 6.00
C ILE B 116 6.58 -13.86 5.10
N PRO B 117 7.80 -13.40 5.42
CA PRO B 117 8.50 -12.37 4.63
C PRO B 117 8.73 -12.74 3.16
N VAL B 118 8.39 -11.81 2.28
CA VAL B 118 8.61 -11.96 0.85
C VAL B 118 9.87 -11.20 0.47
N PHE B 119 10.80 -11.85 -0.22
CA PHE B 119 11.98 -11.18 -0.74
C PHE B 119 12.00 -11.23 -2.26
N SER B 120 12.38 -10.13 -2.88
CA SER B 120 12.44 -10.10 -4.34
C SER B 120 13.54 -9.19 -4.91
N ILE B 121 14.00 -9.52 -6.11
CA ILE B 121 14.87 -8.64 -6.87
C ILE B 121 14.03 -7.96 -7.93
N HIS B 122 14.63 -7.06 -8.69
CA HIS B 122 13.86 -6.31 -9.67
C HIS B 122 13.93 -6.94 -11.04
N GLY B 123 12.82 -6.92 -11.77
CA GLY B 123 12.84 -7.27 -13.18
C GLY B 123 13.03 -6.03 -14.04
N ASN B 124 12.26 -5.94 -15.12
CA ASN B 124 12.28 -4.74 -15.96
C ASN B 124 10.89 -4.16 -16.26
N TYR B 134 9.10 7.22 -6.07
CA TYR B 134 8.01 6.71 -5.22
C TYR B 134 7.22 5.69 -6.00
N SER B 135 7.89 4.60 -6.35
CA SER B 135 7.32 3.54 -7.16
C SER B 135 6.28 2.76 -6.38
N ALA B 136 5.41 2.07 -7.11
CA ALA B 136 4.38 1.24 -6.50
C ALA B 136 5.12 0.20 -5.68
N LEU B 137 6.25 -0.24 -6.18
CA LEU B 137 7.08 -1.20 -5.47
C LEU B 137 7.55 -0.64 -4.13
N ASP B 138 7.92 0.65 -4.10
CA ASP B 138 8.31 1.25 -2.82
C ASP B 138 7.16 1.21 -1.81
N ILE B 139 5.94 1.20 -2.33
CA ILE B 139 4.76 1.03 -1.50
C ILE B 139 4.71 -0.36 -0.90
N LEU B 140 4.99 -1.38 -1.73
CA LEU B 140 5.05 -2.76 -1.28
C LEU B 140 6.04 -2.93 -0.12
N GLN B 141 7.20 -2.32 -0.25
CA GLN B 141 8.26 -2.40 0.73
C GLN B 141 7.99 -1.56 1.99
N VAL B 142 7.52 -0.34 1.79
CA VAL B 142 7.31 0.58 2.91
C VAL B 142 6.23 0.05 3.86
N THR B 143 5.24 -0.67 3.34
CA THR B 143 4.21 -1.30 4.18
C THR B 143 4.81 -2.42 5.01
N GLY B 144 5.93 -2.96 4.56
CA GLY B 144 6.61 -4.06 5.23
C GLY B 144 6.20 -5.46 4.78
N LEU B 145 5.68 -5.56 3.57
CA LEU B 145 5.17 -6.83 3.05
C LEU B 145 6.13 -7.52 2.07
N VAL B 146 7.05 -6.76 1.48
CA VAL B 146 8.02 -7.27 0.54
C VAL B 146 9.36 -6.60 0.79
N ASN B 147 10.47 -7.32 0.58
CA ASN B 147 11.81 -6.74 0.70
C ASN B 147 12.56 -6.81 -0.62
N TYR B 148 12.67 -5.67 -1.31
CA TYR B 148 13.45 -5.65 -2.54
C TYR B 148 14.94 -5.74 -2.20
N PHE B 149 15.68 -6.51 -3.01
CA PHE B 149 17.11 -6.68 -2.79
C PHE B 149 17.84 -6.91 -4.10
N GLY B 150 19.14 -7.10 -4.05
CA GLY B 150 19.93 -7.27 -5.25
C GLY B 150 19.98 -6.06 -6.16
N ARG B 151 19.65 -4.89 -5.63
CA ARG B 151 19.69 -3.63 -6.41
C ARG B 151 21.09 -3.40 -7.00
N VAL B 152 21.15 -2.84 -8.20
CA VAL B 152 22.44 -2.48 -8.77
C VAL B 152 22.58 -0.97 -8.89
N PRO B 153 23.57 -0.40 -8.20
CA PRO B 153 23.83 1.04 -8.28
C PRO B 153 24.28 1.47 -9.67
N GLU B 154 25.16 0.68 -10.28
CA GLU B 154 25.67 0.98 -11.61
C GLU B 154 25.56 -0.24 -12.52
N ASN B 155 25.06 -0.03 -13.74
CA ASN B 155 24.95 -1.12 -14.70
C ASN B 155 26.31 -1.68 -15.09
N ASP B 156 27.28 -0.78 -15.29
CA ASP B 156 28.63 -1.19 -15.67
C ASP B 156 29.32 -2.03 -14.60
N ASN B 157 29.15 -1.64 -13.34
CA ASN B 157 29.78 -2.35 -12.23
C ASN B 157 28.76 -2.85 -11.22
N ILE B 158 28.87 -4.13 -10.85
CA ILE B 158 27.94 -4.71 -9.89
C ILE B 158 28.64 -5.24 -8.64
N VAL B 159 28.15 -4.83 -7.48
CA VAL B 159 28.62 -5.35 -6.20
C VAL B 159 27.42 -5.96 -5.48
N VAL B 160 27.56 -7.18 -4.98
CA VAL B 160 26.41 -7.87 -4.40
C VAL B 160 26.56 -8.11 -2.90
N SER B 161 25.88 -7.28 -2.10
CA SER B 161 25.87 -7.46 -0.66
C SER B 161 24.75 -8.45 -0.29
N PRO B 162 25.09 -9.55 0.38
CA PRO B 162 24.13 -10.61 0.71
C PRO B 162 23.29 -10.37 1.95
N ILE B 163 22.02 -10.71 1.87
CA ILE B 163 21.18 -10.84 3.05
C ILE B 163 21.53 -12.14 3.75
N LEU B 164 21.86 -12.04 5.04
CA LEU B 164 22.23 -13.21 5.83
C LEU B 164 21.09 -13.63 6.75
N LEU B 165 20.57 -14.83 6.52
CA LEU B 165 19.51 -15.39 7.34
C LEU B 165 19.97 -16.63 8.08
N GLN B 166 19.16 -17.06 9.05
CA GLN B 166 19.53 -18.13 9.97
C GLN B 166 18.31 -18.58 10.76
N LYS B 167 18.15 -19.90 10.89
CA LYS B 167 17.06 -20.50 11.67
C LYS B 167 17.60 -21.76 12.32
N GLY B 168 18.08 -21.64 13.54
CA GLY B 168 18.77 -22.75 14.18
C GLY B 168 20.21 -22.75 13.73
N PHE B 169 20.71 -23.92 13.34
CA PHE B 169 22.11 -24.05 12.93
C PHE B 169 22.30 -23.74 11.44
N THR B 170 21.19 -23.74 10.71
CA THR B 170 21.20 -23.49 9.27
C THR B 170 21.38 -22.00 8.95
N LYS B 171 22.33 -21.73 8.06
CA LYS B 171 22.71 -20.37 7.72
C LYS B 171 22.61 -20.14 6.21
N LEU B 172 21.74 -19.21 5.82
CA LEU B 172 21.47 -18.93 4.41
C LEU B 172 22.05 -17.58 4.00
N ALA B 173 22.94 -17.60 3.01
CA ALA B 173 23.47 -16.35 2.47
C ALA B 173 22.80 -16.11 1.14
N LEU B 174 21.86 -15.17 1.13
CA LEU B 174 21.00 -14.91 0.00
C LEU B 174 21.53 -13.74 -0.81
N TYR B 175 21.88 -14.00 -2.07
CA TYR B 175 22.45 -12.99 -2.95
C TYR B 175 21.50 -12.59 -4.10
N GLY B 176 21.53 -11.33 -4.49
CA GLY B 176 20.69 -10.92 -5.60
C GLY B 176 21.39 -10.08 -6.66
N ILE B 177 20.94 -10.20 -7.90
CA ILE B 177 21.28 -9.25 -8.95
C ILE B 177 20.02 -8.88 -9.73
N SER B 178 19.44 -7.72 -9.42
CA SER B 178 18.31 -7.19 -10.16
C SER B 178 18.69 -7.03 -11.63
N ASN B 179 17.70 -7.14 -12.50
CA ASN B 179 17.94 -7.21 -13.94
C ASN B 179 18.87 -6.14 -14.50
N VAL B 180 19.81 -6.58 -15.31
CA VAL B 180 20.74 -5.71 -16.00
C VAL B 180 20.67 -6.11 -17.47
N ARG B 181 20.76 -5.16 -18.39
CA ARG B 181 20.77 -5.51 -19.81
C ARG B 181 21.86 -6.54 -20.05
N ASP B 182 21.46 -7.66 -20.62
CA ASP B 182 22.35 -8.81 -20.73
C ASP B 182 23.74 -8.50 -21.28
N GLU B 183 23.82 -7.56 -22.21
CA GLU B 183 25.09 -7.13 -22.76
C GLU B 183 26.03 -6.50 -21.71
N ARG B 184 25.49 -5.74 -20.76
CA ARG B 184 26.35 -5.07 -19.80
C ARG B 184 26.80 -6.04 -18.72
N LEU B 185 25.88 -6.89 -18.28
CA LEU B 185 26.19 -7.88 -17.29
C LEU B 185 27.26 -8.84 -17.80
N TYR B 186 27.11 -9.30 -19.05
CA TYR B 186 28.11 -10.17 -19.67
C TYR B 186 29.48 -9.56 -19.52
N HIS B 187 29.59 -8.28 -19.89
CA HIS B 187 30.86 -7.62 -19.91
C HIS B 187 31.34 -7.36 -18.51
N SER B 188 30.46 -6.92 -17.64
CA SER B 188 30.85 -6.64 -16.26
C SER B 188 31.44 -7.85 -15.57
N PHE B 189 31.00 -9.04 -15.97
CA PHE B 189 31.58 -10.29 -15.50
C PHE B 189 32.97 -10.54 -16.11
N ARG B 190 33.06 -10.55 -17.45
CA ARG B 190 34.32 -10.75 -18.21
C ARG B 190 35.44 -9.81 -17.83
N GLU B 191 35.09 -8.66 -17.26
CA GLU B 191 36.06 -7.61 -16.95
C GLU B 191 36.27 -7.52 -15.45
N ASN B 192 35.82 -8.55 -14.74
CA ASN B 192 35.90 -8.64 -13.28
C ASN B 192 35.42 -7.41 -12.52
N LYS B 193 34.23 -6.94 -12.89
CA LYS B 193 33.62 -5.79 -12.23
C LYS B 193 32.37 -6.20 -11.44
N VAL B 194 32.16 -7.51 -11.30
CA VAL B 194 31.13 -8.01 -10.42
C VAL B 194 31.80 -8.66 -9.21
N LYS B 195 31.59 -8.06 -8.03
CA LYS B 195 32.24 -8.49 -6.79
C LYS B 195 31.20 -9.06 -5.81
N PHE B 196 31.51 -10.20 -5.20
CA PHE B 196 30.66 -10.76 -4.17
C PHE B 196 31.31 -10.66 -2.79
N LEU B 197 30.65 -9.95 -1.87
CA LEU B 197 31.15 -9.80 -0.51
C LEU B 197 30.74 -10.96 0.37
N ARG B 198 31.62 -11.94 0.51
CA ARG B 198 31.31 -13.11 1.32
C ARG B 198 31.63 -12.87 2.80
N PRO B 199 30.71 -13.23 3.70
CA PRO B 199 30.94 -13.02 5.13
C PRO B 199 32.04 -13.94 5.65
N ASP B 200 32.92 -13.42 6.49
CA ASP B 200 34.13 -14.14 6.90
C ASP B 200 33.94 -15.07 8.12
N LEU B 201 32.94 -14.80 8.96
CA LEU B 201 32.66 -15.68 10.09
C LEU B 201 31.78 -16.84 9.67
N TYR B 202 32.11 -18.03 10.16
CA TYR B 202 31.46 -19.27 9.74
C TYR B 202 31.52 -19.41 8.21
N ARG B 203 32.70 -19.25 7.63
CA ARG B 203 32.87 -19.20 6.17
C ARG B 203 32.10 -20.24 5.37
N ASP B 204 32.20 -21.51 5.77
CA ASP B 204 31.64 -22.57 4.96
C ASP B 204 30.32 -23.14 5.47
N GLU B 205 29.79 -22.52 6.52
CA GLU B 205 28.50 -22.93 7.07
C GLU B 205 27.35 -22.32 6.26
N TRP B 206 27.72 -21.40 5.37
CA TRP B 206 26.75 -20.65 4.57
C TRP B 206 26.33 -21.42 3.33
N PHE B 207 25.01 -21.64 3.23
CA PHE B 207 24.39 -22.13 2.01
C PHE B 207 24.16 -20.90 1.12
N ASN B 208 24.75 -20.90 -0.07
CA ASN B 208 24.73 -19.69 -0.91
C ASN B 208 23.73 -19.70 -2.06
N LEU B 209 22.74 -18.83 -1.96
CA LEU B 209 21.63 -18.81 -2.89
C LEU B 209 21.68 -17.53 -3.71
N LEU B 210 21.65 -17.66 -5.03
CA LEU B 210 21.69 -16.49 -5.89
C LEU B 210 20.38 -16.35 -6.64
N THR B 211 19.84 -15.14 -6.66
CA THR B 211 18.68 -14.82 -7.48
C THR B 211 19.08 -13.91 -8.62
N VAL B 212 18.79 -14.32 -9.84
CA VAL B 212 19.05 -13.48 -11.00
C VAL B 212 17.80 -13.36 -11.83
N HIS B 213 17.81 -12.39 -12.74
CA HIS B 213 16.68 -12.16 -13.63
C HIS B 213 17.19 -11.80 -15.03
N GLN B 214 17.76 -12.78 -15.73
CA GLN B 214 18.39 -12.55 -17.02
C GLN B 214 18.00 -13.63 -18.03
N ASN B 215 18.41 -13.49 -19.29
CA ASN B 215 18.23 -14.56 -20.26
C ASN B 215 19.21 -15.67 -19.96
N HIS B 216 18.73 -16.91 -19.98
CA HIS B 216 19.56 -18.10 -19.70
C HIS B 216 20.21 -18.66 -20.96
N SER B 217 19.59 -18.35 -22.09
CA SER B 217 19.98 -18.82 -23.40
C SER B 217 19.75 -17.71 -24.42
N ALA B 218 20.64 -17.59 -25.40
CA ALA B 218 20.48 -16.60 -26.47
C ALA B 218 21.26 -17.01 -27.72
N HIS B 219 20.93 -16.37 -28.84
CA HIS B 219 21.53 -16.75 -30.12
C HIS B 219 22.87 -16.05 -30.39
N THR B 220 23.11 -14.94 -29.69
CA THR B 220 24.42 -14.30 -29.66
C THR B 220 24.99 -14.34 -28.24
N PRO B 221 26.25 -14.78 -28.11
CA PRO B 221 26.85 -15.11 -26.81
C PRO B 221 27.03 -13.94 -25.83
N THR B 222 26.53 -12.74 -26.19
CA THR B 222 26.55 -11.61 -25.27
C THR B 222 25.16 -11.13 -24.80
N SER B 223 24.08 -11.79 -25.22
CA SER B 223 22.78 -11.35 -24.72
C SER B 223 22.11 -12.33 -23.75
N TYR B 224 22.90 -13.22 -23.17
CA TYR B 224 22.44 -14.07 -22.07
C TYR B 224 23.56 -14.17 -21.03
N LEU B 225 23.26 -14.74 -19.86
CA LEU B 225 24.28 -14.93 -18.83
C LEU B 225 24.68 -16.39 -18.71
N PRO B 226 25.92 -16.73 -19.09
CA PRO B 226 26.42 -18.10 -19.01
C PRO B 226 26.58 -18.59 -17.57
N GLU B 227 26.08 -19.78 -17.26
CA GLU B 227 26.22 -20.30 -15.90
C GLU B 227 27.69 -20.28 -15.46
N SER B 228 28.58 -20.47 -16.42
CA SER B 228 30.01 -20.46 -16.18
C SER B 228 30.53 -19.17 -15.52
N PHE B 229 29.86 -18.05 -15.78
CA PHE B 229 30.25 -16.74 -15.25
C PHE B 229 29.87 -16.57 -13.79
N ILE B 230 29.00 -17.45 -13.31
CA ILE B 230 28.57 -17.48 -11.91
C ILE B 230 29.55 -18.31 -11.10
N GLN B 231 30.15 -17.68 -10.08
CA GLN B 231 31.18 -18.33 -9.26
C GLN B 231 30.73 -19.61 -8.56
N ASP B 232 31.65 -20.58 -8.45
CA ASP B 232 31.33 -21.95 -8.06
C ASP B 232 30.90 -22.17 -6.59
N PHE B 233 31.13 -21.18 -5.75
CA PHE B 233 30.74 -21.24 -4.35
C PHE B 233 29.23 -21.27 -4.10
N TYR B 234 28.45 -20.84 -5.08
CA TYR B 234 26.99 -20.94 -4.98
C TYR B 234 26.54 -22.40 -4.96
N ASP B 235 25.33 -22.66 -4.47
CA ASP B 235 24.78 -24.01 -4.34
C ASP B 235 23.45 -24.13 -5.05
N PHE B 236 22.73 -23.01 -5.06
CA PHE B 236 21.41 -22.91 -5.67
C PHE B 236 21.31 -21.53 -6.29
N VAL B 237 20.93 -21.49 -7.56
CA VAL B 237 20.69 -20.26 -8.27
C VAL B 237 19.24 -20.23 -8.75
N LEU B 238 18.46 -19.29 -8.24
CA LEU B 238 17.11 -19.07 -8.74
C LEU B 238 17.11 -18.23 -10.01
N TRP B 239 16.41 -18.67 -11.04
CA TRP B 239 16.48 -18.00 -12.33
C TRP B 239 15.11 -17.44 -12.77
N GLY B 240 14.91 -16.14 -12.56
CA GLY B 240 13.72 -15.45 -12.98
C GLY B 240 13.85 -15.07 -14.44
N HIS B 241 12.88 -14.33 -14.95
CA HIS B 241 12.90 -13.75 -16.29
C HIS B 241 12.77 -14.73 -17.43
N GLU B 242 12.85 -16.01 -17.14
CA GLU B 242 12.59 -17.00 -18.17
C GLU B 242 11.24 -17.47 -17.64
N HIS B 243 10.22 -17.28 -18.46
CA HIS B 243 8.83 -17.51 -18.08
C HIS B 243 8.46 -18.99 -18.09
N GLU B 244 9.05 -19.76 -19.00
CA GLU B 244 8.80 -21.21 -19.11
C GLU B 244 9.17 -21.99 -17.84
N CYS B 245 8.21 -22.75 -17.33
CA CYS B 245 8.44 -23.59 -16.15
C CYS B 245 9.35 -24.79 -16.41
N LEU B 246 10.52 -24.76 -15.76
CA LEU B 246 11.51 -25.84 -15.74
C LEU B 246 11.87 -26.00 -14.28
N ILE B 247 10.84 -26.27 -13.48
CA ILE B 247 10.97 -26.31 -12.05
C ILE B 247 11.75 -27.53 -11.53
N ASP B 248 11.89 -28.55 -12.35
CA ASP B 248 12.67 -29.71 -11.96
C ASP B 248 14.16 -29.36 -11.78
N GLY B 249 14.56 -28.19 -12.27
CA GLY B 249 15.90 -27.68 -12.04
C GLY B 249 16.96 -28.39 -12.85
N SER B 250 18.21 -27.97 -12.67
CA SER B 250 19.32 -28.51 -13.45
C SER B 250 20.59 -28.47 -12.62
N TYR B 251 21.38 -29.55 -12.62
CA TYR B 251 22.66 -29.55 -11.91
C TYR B 251 23.76 -29.12 -12.84
N ASN B 252 24.63 -28.25 -12.34
CA ASN B 252 25.79 -27.84 -13.10
C ASN B 252 27.01 -28.49 -12.50
N PRO B 253 27.53 -29.53 -13.16
CA PRO B 253 28.62 -30.39 -12.64
C PRO B 253 29.93 -29.63 -12.48
N THR B 254 30.23 -28.73 -13.41
CA THR B 254 31.45 -27.96 -13.40
C THR B 254 31.45 -26.85 -12.34
N GLN B 255 30.32 -26.17 -12.19
CA GLN B 255 30.25 -25.12 -11.19
C GLN B 255 29.73 -25.65 -9.86
N LYS B 256 29.14 -26.84 -9.92
CA LYS B 256 28.54 -27.47 -8.76
C LYS B 256 27.58 -26.51 -8.05
N PHE B 257 26.44 -26.34 -8.71
CA PHE B 257 25.24 -25.79 -8.10
C PHE B 257 24.02 -26.25 -8.90
N THR B 258 22.85 -25.98 -8.34
CA THR B 258 21.63 -26.35 -9.01
C THR B 258 20.88 -25.09 -9.39
N VAL B 259 20.44 -25.05 -10.63
CA VAL B 259 19.80 -23.89 -11.19
C VAL B 259 18.31 -24.18 -11.30
N VAL B 260 17.45 -23.35 -10.70
CA VAL B 260 16.02 -23.55 -10.85
C VAL B 260 15.25 -22.35 -11.39
N GLN B 261 14.79 -22.51 -12.62
CA GLN B 261 14.03 -21.51 -13.36
C GLN B 261 12.53 -21.82 -13.27
N PRO B 262 11.86 -21.35 -12.19
CA PRO B 262 10.49 -21.77 -11.88
C PRO B 262 9.46 -21.36 -12.94
N GLY B 263 9.71 -20.25 -13.61
CA GLY B 263 8.77 -19.75 -14.58
C GLY B 263 7.80 -18.72 -14.03
N SER B 264 7.04 -18.10 -14.92
CA SER B 264 6.05 -17.10 -14.56
C SER B 264 4.82 -17.74 -13.93
N THR B 265 3.81 -16.93 -13.62
CA THR B 265 2.57 -17.44 -13.08
C THR B 265 1.37 -17.10 -14.00
N ILE B 266 1.68 -16.55 -15.18
CA ILE B 266 0.70 -16.29 -16.24
C ILE B 266 1.35 -16.34 -17.62
N ALA B 267 0.60 -16.70 -18.64
CA ALA B 267 1.13 -16.65 -20.00
C ALA B 267 1.08 -15.22 -20.59
N THR B 268 2.24 -14.61 -20.61
CA THR B 268 2.39 -13.20 -20.93
C THR B 268 2.49 -13.04 -22.46
N SER B 269 2.50 -14.18 -23.15
CA SER B 269 2.50 -14.26 -24.63
C SER B 269 2.04 -15.63 -25.05
N LEU B 270 1.74 -15.83 -26.32
CA LEU B 270 1.41 -17.20 -26.77
C LEU B 270 2.60 -17.94 -27.44
N SER B 271 3.62 -18.24 -26.62
CA SER B 271 4.84 -18.89 -27.08
C SER B 271 4.89 -20.32 -26.54
N PRO B 272 5.74 -21.17 -27.12
CA PRO B 272 5.91 -22.56 -26.66
C PRO B 272 6.30 -22.72 -25.19
N GLY B 273 7.17 -21.86 -24.67
CA GLY B 273 7.53 -21.94 -23.27
C GLY B 273 6.35 -21.69 -22.33
N GLU B 274 5.39 -20.91 -22.79
CA GLU B 274 4.26 -20.56 -21.94
C GLU B 274 3.25 -21.69 -21.87
N THR B 275 3.51 -22.77 -22.59
CA THR B 275 2.58 -23.89 -22.65
C THR B 275 2.80 -24.93 -21.56
N ALA B 276 4.05 -25.09 -21.13
CA ALA B 276 4.39 -26.00 -20.03
C ALA B 276 3.65 -25.63 -18.75
N PRO B 277 2.90 -26.58 -18.20
CA PRO B 277 2.10 -26.37 -16.99
C PRO B 277 2.88 -25.66 -15.87
N LYS B 278 2.34 -24.54 -15.41
CA LYS B 278 2.99 -23.70 -14.39
C LYS B 278 3.03 -24.32 -12.97
N HIS B 279 4.14 -24.07 -12.28
CA HIS B 279 4.45 -24.67 -10.97
C HIS B 279 5.16 -23.65 -10.11
N CYS B 280 5.15 -23.90 -8.80
CA CYS B 280 6.08 -23.22 -7.90
C CYS B 280 6.67 -24.27 -6.99
N GLY B 281 7.67 -23.91 -6.21
CA GLY B 281 8.35 -24.89 -5.38
C GLY B 281 8.62 -24.41 -3.97
N ILE B 282 8.66 -25.36 -3.04
CA ILE B 282 9.09 -25.08 -1.70
C ILE B 282 10.50 -25.62 -1.64
N LEU B 283 11.41 -24.85 -1.07
CA LEU B 283 12.81 -25.25 -1.07
C LEU B 283 13.26 -25.42 0.36
N ASN B 284 13.56 -26.65 0.73
CA ASN B 284 13.96 -26.93 2.09
C ASN B 284 15.47 -26.99 2.17
N ILE B 285 16.04 -26.13 3.01
CA ILE B 285 17.48 -26.07 3.18
C ILE B 285 17.85 -26.40 4.60
N THR B 286 18.65 -27.45 4.75
CA THR B 286 19.21 -27.80 6.05
C THR B 286 20.72 -27.92 5.93
N GLY B 287 21.44 -27.08 6.66
CA GLY B 287 22.89 -27.06 6.61
C GLY B 287 23.37 -26.55 5.26
N LYS B 288 24.22 -27.33 4.59
CA LYS B 288 24.57 -27.06 3.21
C LYS B 288 23.78 -27.98 2.29
N ASP B 289 22.73 -28.58 2.83
CA ASP B 289 21.89 -29.48 2.05
C ASP B 289 20.53 -28.91 1.74
N PHE B 290 20.03 -29.24 0.56
CA PHE B 290 18.74 -28.73 0.13
C PHE B 290 17.93 -29.79 -0.60
N HIS B 291 16.62 -29.59 -0.58
CA HIS B 291 15.73 -30.47 -1.31
C HIS B 291 14.51 -29.66 -1.81
N LEU B 292 14.19 -29.84 -3.09
CA LEU B 292 13.18 -29.04 -3.77
C LEU B 292 11.90 -29.80 -4.07
N GLU B 293 10.85 -29.46 -3.34
CA GLU B 293 9.51 -29.98 -3.55
C GLU B 293 8.77 -29.10 -4.57
N LYS B 294 8.05 -29.71 -5.51
CA LYS B 294 7.37 -28.93 -6.55
C LYS B 294 5.85 -29.02 -6.51
N ILE B 295 5.18 -27.95 -6.89
CA ILE B 295 3.77 -27.80 -6.62
C ILE B 295 3.08 -27.25 -7.84
N ARG B 296 2.06 -27.96 -8.33
CA ARG B 296 1.39 -27.50 -9.53
C ARG B 296 0.39 -26.38 -9.19
N LEU B 297 0.43 -25.28 -9.94
CA LEU B 297 -0.52 -24.20 -9.74
C LEU B 297 -1.88 -24.59 -10.26
N ARG B 298 -2.90 -24.28 -9.48
CA ARG B 298 -4.28 -24.63 -9.81
C ARG B 298 -4.96 -23.53 -10.58
N THR B 299 -4.66 -22.30 -10.23
CA THR B 299 -5.34 -21.12 -10.75
C THR B 299 -4.94 -20.71 -12.16
N VAL B 300 -3.85 -21.28 -12.66
CA VAL B 300 -3.40 -20.97 -14.00
C VAL B 300 -4.28 -21.64 -15.06
N ARG B 301 -4.80 -20.80 -15.94
CA ARG B 301 -5.61 -21.20 -17.08
C ARG B 301 -4.79 -22.07 -18.03
N PRO B 302 -5.40 -23.14 -18.58
CA PRO B 302 -4.75 -23.99 -19.56
C PRO B 302 -4.38 -23.26 -20.84
N PHE B 303 -3.33 -23.75 -21.49
CA PHE B 303 -2.85 -23.19 -22.73
C PHE B 303 -2.29 -24.34 -23.57
N ILE B 304 -2.95 -24.62 -24.69
CA ILE B 304 -2.51 -25.67 -25.61
C ILE B 304 -2.11 -25.02 -26.94
N MET B 305 -1.07 -25.56 -27.58
CA MET B 305 -0.57 -25.03 -28.84
C MET B 305 -0.23 -26.16 -29.79
N LYS B 306 -0.61 -26.03 -31.05
CA LYS B 306 -0.32 -27.08 -32.02
C LYS B 306 0.43 -26.49 -33.20
N ASP B 307 1.57 -27.10 -33.51
CA ASP B 307 2.36 -26.70 -34.67
C ASP B 307 2.00 -27.60 -35.84
N ILE B 308 1.50 -27.00 -36.92
CA ILE B 308 0.92 -27.76 -38.03
C ILE B 308 1.55 -27.44 -39.39
N ILE B 309 1.93 -28.47 -40.14
CA ILE B 309 2.49 -28.28 -41.47
C ILE B 309 1.54 -28.89 -42.47
N LEU B 310 0.92 -28.07 -43.31
CA LEU B 310 -0.14 -28.55 -44.16
C LEU B 310 0.29 -29.62 -45.17
N SER B 311 1.53 -29.56 -45.63
CA SER B 311 2.06 -30.58 -46.51
C SER B 311 2.20 -31.94 -45.80
N GLU B 312 2.33 -31.90 -44.49
CA GLU B 312 2.35 -33.11 -43.67
C GLU B 312 0.94 -33.64 -43.42
N VAL B 313 -0.02 -33.24 -44.22
CA VAL B 313 -1.40 -33.66 -43.97
C VAL B 313 -2.11 -34.05 -45.25
N SER B 314 -2.79 -35.18 -45.18
CA SER B 314 -3.89 -35.54 -46.03
C SER B 314 -4.93 -35.90 -44.97
N SER B 315 -6.17 -35.43 -45.08
CA SER B 315 -6.78 -34.99 -46.32
C SER B 315 -6.70 -33.51 -46.65
N ILE B 316 -5.54 -33.04 -47.06
CA ILE B 316 -5.49 -31.72 -47.67
C ILE B 316 -4.74 -31.84 -48.98
N PRO B 317 -5.50 -31.85 -50.09
CA PRO B 317 -4.95 -31.94 -51.45
C PRO B 317 -4.18 -30.67 -51.84
N PRO B 318 -2.87 -30.82 -52.10
CA PRO B 318 -2.00 -29.70 -52.46
C PRO B 318 -2.28 -29.12 -53.85
N MET B 319 -2.33 -27.79 -53.95
CA MET B 319 -2.56 -27.07 -55.21
C MET B 319 -3.88 -27.37 -55.93
N VAL B 320 -4.97 -27.05 -55.24
CA VAL B 320 -6.33 -27.08 -55.78
C VAL B 320 -7.22 -26.35 -54.74
N GLU B 321 -8.49 -26.12 -55.05
CA GLU B 321 -9.38 -25.37 -54.15
C GLU B 321 -9.62 -26.04 -52.80
N ASN B 322 -8.62 -25.93 -51.93
CA ASN B 322 -8.58 -26.70 -50.68
C ASN B 322 -9.12 -26.00 -49.43
N LYS B 323 -9.43 -24.72 -49.53
CA LYS B 323 -9.90 -23.88 -48.41
C LYS B 323 -10.94 -24.56 -47.52
N LYS B 324 -11.88 -25.26 -48.13
CA LYS B 324 -12.92 -25.96 -47.39
C LYS B 324 -12.32 -27.07 -46.54
N GLU B 325 -11.38 -27.81 -47.11
CA GLU B 325 -10.70 -28.89 -46.42
C GLU B 325 -9.77 -28.39 -45.31
N VAL B 326 -8.86 -27.49 -45.66
CA VAL B 326 -7.98 -26.85 -44.68
C VAL B 326 -8.77 -26.41 -43.45
N LEU B 327 -9.92 -25.78 -43.69
CA LEU B 327 -10.74 -25.25 -42.61
C LEU B 327 -11.26 -26.32 -41.66
N THR B 328 -11.73 -27.43 -42.20
CA THR B 328 -12.25 -28.47 -41.33
C THR B 328 -11.13 -29.12 -40.52
N TYR B 329 -9.98 -29.33 -41.14
CA TYR B 329 -8.82 -29.91 -40.45
C TYR B 329 -8.38 -29.03 -39.30
N LEU B 330 -8.33 -27.71 -39.57
CA LEU B 330 -7.91 -26.73 -38.57
C LEU B 330 -8.93 -26.60 -37.43
N ILE B 331 -10.19 -26.49 -37.79
CA ILE B 331 -11.26 -26.36 -36.81
C ILE B 331 -11.33 -27.60 -35.90
N SER B 332 -11.01 -28.74 -36.46
CA SER B 332 -10.95 -29.99 -35.68
C SER B 332 -9.79 -30.03 -34.70
N LYS B 333 -8.63 -29.51 -35.12
CA LYS B 333 -7.44 -29.46 -34.26
C LYS B 333 -7.66 -28.53 -33.10
N VAL B 334 -8.36 -27.42 -33.36
CA VAL B 334 -8.74 -26.47 -32.33
C VAL B 334 -9.64 -27.16 -31.31
N GLU B 335 -10.68 -27.81 -31.81
CA GLU B 335 -11.59 -28.56 -30.97
C GLU B 335 -10.83 -29.59 -30.16
N GLU B 336 -9.87 -30.20 -30.82
CA GLU B 336 -9.05 -31.25 -30.23
C GLU B 336 -8.17 -30.68 -29.14
N ALA B 337 -7.65 -29.47 -29.39
CA ALA B 337 -6.83 -28.74 -28.43
C ALA B 337 -7.65 -28.27 -27.23
N ILE B 338 -8.91 -27.93 -27.47
CA ILE B 338 -9.79 -27.50 -26.38
C ILE B 338 -10.05 -28.62 -25.40
N THR B 339 -10.26 -29.83 -25.92
CA THR B 339 -10.50 -30.97 -25.04
C THR B 339 -9.24 -31.27 -24.22
N GLU B 340 -8.07 -31.20 -24.85
CA GLU B 340 -6.79 -31.42 -24.16
C GLU B 340 -6.60 -30.38 -23.08
N ALA B 341 -7.04 -29.17 -23.38
CA ALA B 341 -6.97 -28.05 -22.44
C ALA B 341 -7.85 -28.27 -21.19
N ASN B 342 -9.11 -28.63 -21.42
CA ASN B 342 -10.03 -28.95 -20.33
C ASN B 342 -9.47 -30.06 -19.45
N ALA B 343 -8.92 -31.08 -20.10
CA ALA B 343 -8.36 -32.24 -19.41
C ALA B 343 -7.16 -31.86 -18.56
N GLN B 344 -6.34 -30.94 -19.08
CA GLN B 344 -5.15 -30.43 -18.40
C GLN B 344 -5.52 -29.57 -17.19
N TRP B 345 -6.67 -28.90 -17.28
CA TRP B 345 -7.18 -28.17 -16.14
C TRP B 345 -7.62 -29.09 -15.00
N TYR B 346 -8.14 -30.27 -15.32
CA TYR B 346 -8.52 -31.25 -14.30
C TYR B 346 -7.32 -31.94 -13.70
N GLU B 347 -6.30 -32.19 -14.52
CA GLU B 347 -5.08 -32.81 -14.04
C GLU B 347 -4.45 -31.92 -12.98
N ALA B 348 -4.61 -30.61 -13.16
CA ALA B 348 -4.04 -29.60 -12.27
C ALA B 348 -4.76 -29.46 -10.93
N GLN B 349 -6.04 -29.78 -10.89
CA GLN B 349 -6.83 -29.50 -9.70
C GLN B 349 -6.63 -30.54 -8.57
N GLY B 350 -6.64 -31.82 -8.93
CA GLY B 350 -6.44 -32.89 -7.96
C GLY B 350 -7.60 -33.09 -6.99
N LYS B 359 -16.14 -26.89 -13.63
CA LYS B 359 -15.96 -26.35 -14.98
C LYS B 359 -14.69 -25.50 -15.12
N PRO B 360 -13.90 -25.78 -16.17
CA PRO B 360 -12.64 -25.09 -16.44
C PRO B 360 -12.91 -23.74 -17.09
N PRO B 361 -11.94 -22.82 -16.99
CA PRO B 361 -12.09 -21.53 -17.64
C PRO B 361 -11.84 -21.72 -19.12
N LEU B 362 -12.33 -20.80 -19.95
CA LEU B 362 -12.00 -20.79 -21.37
C LEU B 362 -10.50 -20.90 -21.60
N PRO B 363 -10.07 -21.83 -22.47
CA PRO B 363 -8.63 -22.10 -22.64
C PRO B 363 -7.95 -21.17 -23.64
N LEU B 364 -6.62 -21.08 -23.54
CA LEU B 364 -5.83 -20.38 -24.54
C LEU B 364 -5.39 -21.40 -25.59
N ILE B 365 -5.70 -21.12 -26.84
CA ILE B 365 -5.46 -22.08 -27.92
C ILE B 365 -4.71 -21.42 -29.05
N ARG B 366 -3.51 -21.90 -29.35
CA ARG B 366 -2.81 -21.36 -30.52
C ARG B 366 -2.45 -22.41 -31.55
N LEU B 367 -2.73 -22.08 -32.80
CA LEU B 367 -2.36 -22.93 -33.92
C LEU B 367 -1.32 -22.18 -34.73
N ARG B 368 -0.14 -22.77 -34.89
CA ARG B 368 0.88 -22.19 -35.75
C ARG B 368 0.97 -23.01 -37.01
N VAL B 369 0.29 -22.51 -38.05
CA VAL B 369 0.05 -23.28 -39.24
C VAL B 369 0.97 -22.87 -40.39
N ASP B 370 1.75 -23.83 -40.86
CA ASP B 370 2.64 -23.65 -42.00
C ASP B 370 1.88 -23.95 -43.30
N TYR B 371 1.44 -22.91 -44.01
CA TYR B 371 0.58 -23.11 -45.17
C TYR B 371 1.33 -23.21 -46.52
N THR B 372 2.66 -23.37 -46.47
CA THR B 372 3.47 -23.50 -47.70
C THR B 372 3.09 -24.72 -48.53
N GLY B 373 3.13 -24.55 -49.86
CA GLY B 373 2.85 -25.64 -50.78
C GLY B 373 1.53 -25.54 -51.53
N GLY B 374 0.88 -24.39 -51.46
CA GLY B 374 -0.35 -24.19 -52.21
C GLY B 374 -1.61 -24.60 -51.47
N TYR B 375 -1.81 -23.99 -50.31
CA TYR B 375 -3.02 -24.22 -49.54
C TYR B 375 -3.73 -22.88 -49.30
N GLN B 376 -5.06 -22.88 -49.37
CA GLN B 376 -5.84 -21.66 -49.16
C GLN B 376 -6.19 -21.45 -47.69
N THR B 377 -5.94 -20.26 -47.20
CA THR B 377 -6.15 -19.95 -45.79
C THR B 377 -7.31 -18.96 -45.58
N GLU B 378 -7.52 -18.55 -44.34
CA GLU B 378 -8.59 -17.61 -43.98
C GLU B 378 -7.98 -16.42 -43.25
N ASN B 379 -8.75 -15.35 -43.10
CA ASN B 379 -8.37 -14.26 -42.24
C ASN B 379 -8.17 -14.82 -40.83
N PRO B 380 -7.05 -14.47 -40.18
CA PRO B 380 -6.75 -14.97 -38.84
C PRO B 380 -7.78 -14.57 -37.81
N GLN B 381 -8.39 -13.40 -37.95
CA GLN B 381 -9.35 -12.95 -36.96
C GLN B 381 -10.73 -13.53 -37.21
N ARG B 382 -11.09 -13.68 -38.48
CA ARG B 382 -12.31 -14.37 -38.85
C ARG B 382 -12.30 -15.78 -38.25
N PHE B 383 -11.19 -16.50 -38.48
CA PHE B 383 -10.98 -17.82 -37.91
C PHE B 383 -11.02 -17.81 -36.39
N SER B 384 -10.42 -16.81 -35.76
CA SER B 384 -10.41 -16.74 -34.29
C SER B 384 -11.76 -16.36 -33.70
N ASN B 385 -12.65 -15.81 -34.51
CA ASN B 385 -13.95 -15.42 -34.02
C ASN B 385 -14.95 -16.54 -34.11
N ARG B 386 -14.55 -17.64 -34.74
CA ARG B 386 -15.38 -18.83 -34.80
C ARG B 386 -15.37 -19.54 -33.46
N PHE B 387 -14.65 -18.96 -32.49
CA PHE B 387 -14.51 -19.57 -31.19
C PHE B 387 -14.76 -18.60 -30.03
N VAL B 388 -15.53 -17.54 -30.29
CA VAL B 388 -15.93 -16.60 -29.23
C VAL B 388 -16.76 -17.31 -28.17
N GLY B 389 -16.38 -17.11 -26.91
CA GLY B 389 -17.02 -17.79 -25.81
C GLY B 389 -16.54 -19.22 -25.66
N ARG B 390 -15.72 -19.67 -26.61
CA ARG B 390 -15.16 -21.01 -26.61
C ARG B 390 -13.68 -21.03 -26.18
N VAL B 391 -12.90 -20.08 -26.70
CA VAL B 391 -11.52 -19.88 -26.24
C VAL B 391 -11.40 -18.53 -25.54
N ALA B 392 -10.31 -18.31 -24.81
CA ALA B 392 -10.11 -17.07 -24.10
C ALA B 392 -9.33 -16.01 -24.90
N ASN B 393 -8.89 -16.39 -26.10
CA ASN B 393 -8.23 -15.48 -27.02
C ASN B 393 -8.88 -15.53 -28.39
N ALA B 394 -10.07 -14.97 -28.50
CA ALA B 394 -10.84 -15.00 -29.73
C ALA B 394 -10.15 -14.29 -30.89
N THR B 395 -9.54 -13.15 -30.60
CA THR B 395 -8.90 -12.34 -31.64
C THR B 395 -7.76 -13.11 -32.30
N ASP B 396 -6.97 -13.84 -31.52
CA ASP B 396 -5.95 -14.68 -32.12
C ASP B 396 -6.26 -16.15 -31.87
N VAL B 397 -6.52 -16.88 -32.96
CA VAL B 397 -6.72 -18.33 -32.86
C VAL B 397 -5.66 -19.09 -33.66
N VAL B 398 -5.02 -18.39 -34.60
CA VAL B 398 -4.06 -19.02 -35.49
C VAL B 398 -3.04 -18.03 -36.06
N GLN B 399 -1.93 -18.56 -36.54
CA GLN B 399 -0.90 -17.78 -37.20
C GLN B 399 -0.48 -18.56 -38.45
N PHE B 400 -0.55 -17.92 -39.62
CA PHE B 400 -0.14 -18.56 -40.87
C PHE B 400 1.26 -18.09 -41.27
N TYR B 401 2.14 -19.02 -41.65
CA TYR B 401 3.50 -18.67 -42.12
C TYR B 401 4.05 -19.57 -43.23
N LEU B 402 5.22 -19.19 -43.77
CA LEU B 402 5.89 -19.95 -44.83
C LEU B 402 7.36 -20.27 -44.49
#